data_4IWQ
#
_entry.id   4IWQ
#
_cell.length_a   135.760
_cell.length_b   135.760
_cell.length_c   86.500
_cell.angle_alpha   90.000
_cell.angle_beta   90.000
_cell.angle_gamma   120.000
#
_symmetry.space_group_name_H-M   'P 32 2 1'
#
loop_
_entity.id
_entity.type
_entity.pdbx_description
1 polymer 'Serine/threonine-protein kinase TBK1'
2 non-polymer N-{3-[(5-cyclopropyl-2-{[3-(morpholin-4-ylmethyl)phenyl]amino}pyrimidin-4-yl)amino]propyl}cyclobutanecarboxamide
#
_entity_poly.entity_id   1
_entity_poly.type   'polypeptide(L)'
_entity_poly.pdbx_seq_one_letter_code
;AMGQSTSNHLWLLSDILGQGATANVFRGRHKKTGDLFAIKVFNNISFLRPVDVQMREFEVLKKLNHKNIVKLFAIEEETT
TRHKVLIMEFCPCGSLYTVLEEPSNAYGLPESEFLIVLRDVVGGMNHLRENGIVHRDIKPGNIMRVIGEDGQSVYKLTDF
GAARELEDDEQFVALYGTEEYLHPDMYERAVLRKDHQKKYGATVDLWSIGVTFYHAATGSLPFRPFEGPRRNKEVMYKII
TGKPSGAISGVQKAENGPIDWSGDMPVSCSLSRGLQVLLTPVLANILEADQEKCWGFDQFFAETSDILHRMVIHVFSLQQ
MTAHKIYIHSYNTATIFHELVYKQTKIISSNQELIYEGRRLVLEPGRLAQHFPKTTEENPIFVVSREPLNTIGLIYEKIS
LPKVHPRYDLDGDASMAKAITGVVCYACRIASTLLLYQELMRKGIRWLIELIKDDYNETVHKKTEVVITLDFCIRNIEKT
VKVYEKLMKINLEAAELGEISDIHTKLLRLSSSQGTIETSLQDIDSRLSPGGSLADAWAHQEGTHPKDRNVEKLQVLLNC
MTEIYYQFKKDKAERRLAYNEEQIHKFDKQKLYYHATKAMTHFTDECVKKYEAFLNKSEEWIRKMLHLRKQLLSLTNQCF
DIEEEVSKYQEYTNELQET
;
_entity_poly.pdbx_strand_id   A
#
loop_
_chem_comp.id
_chem_comp.type
_chem_comp.name
_chem_comp.formula
1FV non-polymer N-{3-[(5-cyclopropyl-2-{[3-(morpholin-4-ylmethyl)phenyl]amino}pyrimidin-4-yl)amino]propyl}cyclobutanecarboxamide 'C26 H36 N6 O2'
#
# COMPACT_ATOMS: atom_id res chain seq x y z
N ALA A 1 -28.33 -38.45 12.62
CA ALA A 1 -28.05 -37.26 11.82
C ALA A 1 -28.99 -37.17 10.62
N MET A 2 -29.00 -36.02 9.96
CA MET A 2 -29.85 -35.80 8.80
C MET A 2 -29.02 -35.29 7.62
N GLY A 3 -29.06 -36.04 6.52
CA GLY A 3 -28.31 -35.68 5.33
C GLY A 3 -28.93 -36.18 4.04
N GLN A 4 -28.97 -35.32 3.04
CA GLN A 4 -29.47 -35.70 1.72
C GLN A 4 -28.38 -36.41 0.92
N SER A 5 -28.78 -37.09 -0.15
CA SER A 5 -27.84 -37.85 -0.96
C SER A 5 -28.16 -37.76 -2.46
N THR A 6 -27.24 -38.28 -3.27
CA THR A 6 -27.41 -38.29 -4.72
C THR A 6 -26.80 -39.58 -5.27
N SER A 7 -26.89 -39.77 -6.58
CA SER A 7 -26.31 -40.93 -7.23
C SER A 7 -24.80 -41.00 -7.01
N ASN A 8 -24.18 -39.83 -6.85
CA ASN A 8 -22.73 -39.76 -6.70
C ASN A 8 -22.27 -38.93 -5.51
N HIS A 9 -23.18 -38.17 -4.90
CA HIS A 9 -22.80 -37.27 -3.81
C HIS A 9 -23.72 -37.37 -2.60
N LEU A 10 -23.24 -36.87 -1.47
CA LEU A 10 -24.03 -36.83 -0.23
C LEU A 10 -23.52 -35.72 0.69
N TRP A 11 -24.41 -35.17 1.51
CA TRP A 11 -24.05 -34.05 2.38
C TRP A 11 -24.99 -33.92 3.56
N LEU A 12 -24.47 -33.44 4.68
CA LEU A 12 -25.30 -33.14 5.84
C LEU A 12 -25.90 -31.75 5.69
N LEU A 13 -27.08 -31.55 6.24
CA LEU A 13 -27.75 -30.25 6.17
C LEU A 13 -27.16 -29.28 7.17
N SER A 14 -26.31 -29.78 8.06
CA SER A 14 -25.64 -28.95 9.05
C SER A 14 -24.42 -28.25 8.44
N ASP A 15 -23.94 -28.80 7.33
CA ASP A 15 -22.79 -28.22 6.63
C ASP A 15 -23.23 -27.17 5.62
N ILE A 16 -24.12 -26.29 6.05
CA ILE A 16 -24.61 -25.21 5.21
C ILE A 16 -23.52 -24.19 4.97
N LEU A 17 -23.41 -23.70 3.73
CA LEU A 17 -22.40 -22.72 3.38
C LEU A 17 -23.02 -21.43 2.87
N GLY A 18 -24.01 -21.56 1.99
CA GLY A 18 -24.66 -20.40 1.41
C GLY A 18 -26.17 -20.49 1.48
N GLN A 19 -26.79 -19.46 2.04
CA GLN A 19 -28.24 -19.42 2.17
C GLN A 19 -28.82 -18.39 1.21
N GLY A 20 -29.12 -18.82 -0.01
CA GLY A 20 -29.64 -17.93 -1.04
C GLY A 20 -31.16 -17.92 -1.08
N ALA A 21 -31.72 -17.16 -2.02
CA ALA A 21 -33.16 -17.05 -2.16
C ALA A 21 -33.72 -18.19 -3.00
N THR A 22 -32.93 -18.66 -3.95
CA THR A 22 -33.38 -19.73 -4.85
C THR A 22 -32.77 -21.08 -4.46
N ALA A 23 -31.50 -21.07 -4.05
CA ALA A 23 -30.81 -22.30 -3.74
C ALA A 23 -29.97 -22.20 -2.46
N ASN A 24 -29.61 -23.36 -1.92
CA ASN A 24 -28.73 -23.43 -0.76
C ASN A 24 -27.45 -24.19 -1.07
N VAL A 25 -26.33 -23.75 -0.49
CA VAL A 25 -25.03 -24.37 -0.74
C VAL A 25 -24.55 -25.18 0.45
N PHE A 26 -24.26 -26.45 0.22
CA PHE A 26 -23.82 -27.34 1.29
C PHE A 26 -22.42 -27.91 1.04
N ARG A 27 -21.69 -28.15 2.12
CA ARG A 27 -20.41 -28.83 2.05
C ARG A 27 -20.64 -30.33 1.87
N GLY A 28 -20.43 -30.83 0.66
CA GLY A 28 -20.68 -32.24 0.36
C GLY A 28 -19.47 -32.97 -0.19
N ARG A 29 -19.51 -34.29 -0.13
CA ARG A 29 -18.42 -35.12 -0.63
C ARG A 29 -18.92 -36.04 -1.74
N HIS A 30 -17.98 -36.75 -2.37
CA HIS A 30 -18.32 -37.72 -3.41
C HIS A 30 -18.39 -39.11 -2.79
N LYS A 31 -19.32 -39.93 -3.27
CA LYS A 31 -19.55 -41.26 -2.70
C LYS A 31 -18.35 -42.20 -2.91
N LYS A 32 -17.61 -41.97 -3.99
CA LYS A 32 -16.50 -42.85 -4.35
C LYS A 32 -15.15 -42.28 -3.95
N THR A 33 -14.78 -41.16 -4.57
CA THR A 33 -13.48 -40.54 -4.32
C THR A 33 -13.38 -39.96 -2.90
N GLY A 34 -14.48 -39.34 -2.45
CA GLY A 34 -14.50 -38.71 -1.15
C GLY A 34 -14.07 -37.26 -1.20
N ASP A 35 -13.74 -36.79 -2.40
CA ASP A 35 -13.33 -35.41 -2.60
C ASP A 35 -14.47 -34.44 -2.32
N LEU A 36 -14.15 -33.31 -1.70
CA LEU A 36 -15.17 -32.34 -1.29
C LEU A 36 -15.62 -31.46 -2.45
N PHE A 37 -16.93 -31.22 -2.52
CA PHE A 37 -17.51 -30.35 -3.53
C PHE A 37 -18.56 -29.45 -2.92
N ALA A 38 -18.94 -28.41 -3.66
CA ALA A 38 -20.01 -27.52 -3.22
C ALA A 38 -21.33 -28.01 -3.78
N ILE A 39 -22.29 -28.25 -2.90
CA ILE A 39 -23.59 -28.78 -3.30
C ILE A 39 -24.64 -27.68 -3.35
N LYS A 40 -25.13 -27.39 -4.54
CA LYS A 40 -26.15 -26.35 -4.71
C LYS A 40 -27.52 -26.97 -4.95
N VAL A 41 -28.33 -27.04 -3.91
CA VAL A 41 -29.66 -27.63 -4.00
C VAL A 41 -30.72 -26.57 -4.25
N PHE A 42 -31.54 -26.79 -5.27
CA PHE A 42 -32.57 -25.82 -5.65
C PHE A 42 -33.78 -25.86 -4.73
N ASN A 43 -34.01 -24.76 -4.02
CA ASN A 43 -35.20 -24.58 -3.21
C ASN A 43 -36.30 -23.93 -4.03
N ASN A 44 -37.55 -24.13 -3.62
CA ASN A 44 -38.71 -23.56 -4.29
C ASN A 44 -38.77 -23.93 -5.78
N ILE A 45 -38.76 -25.22 -6.05
CA ILE A 45 -38.86 -25.71 -7.42
C ILE A 45 -40.16 -26.50 -7.62
N SER A 46 -41.17 -25.83 -8.16
CA SER A 46 -42.49 -26.44 -8.34
C SER A 46 -43.31 -25.69 -9.39
N PHE A 47 -43.34 -24.37 -9.30
CA PHE A 47 -44.10 -23.56 -10.24
C PHE A 47 -43.34 -23.34 -11.54
N LEU A 48 -42.11 -23.82 -11.58
CA LEU A 48 -41.29 -23.71 -12.79
C LEU A 48 -41.19 -25.06 -13.50
N ARG A 49 -40.56 -26.02 -12.83
CA ARG A 49 -40.32 -27.35 -13.39
C ARG A 49 -39.73 -27.34 -14.80
N PRO A 50 -38.52 -26.78 -14.97
CA PRO A 50 -37.93 -26.75 -16.30
C PRO A 50 -36.96 -27.91 -16.54
N VAL A 51 -37.17 -28.64 -17.64
CA VAL A 51 -36.30 -29.75 -17.99
C VAL A 51 -35.84 -29.63 -19.44
N ASP A 52 -36.16 -28.51 -20.07
CA ASP A 52 -35.80 -28.28 -21.46
C ASP A 52 -34.93 -27.03 -21.60
N VAL A 53 -35.48 -25.89 -21.19
CA VAL A 53 -34.78 -24.62 -21.31
C VAL A 53 -33.63 -24.50 -20.31
N GLN A 54 -33.93 -24.76 -19.03
CA GLN A 54 -32.95 -24.60 -17.96
C GLN A 54 -31.83 -25.63 -18.04
N MET A 55 -32.14 -26.80 -18.61
CA MET A 55 -31.14 -27.86 -18.75
C MET A 55 -29.96 -27.40 -19.61
N ARG A 56 -30.27 -26.74 -20.73
CA ARG A 56 -29.24 -26.23 -21.61
C ARG A 56 -28.51 -25.05 -20.98
N GLU A 57 -29.20 -24.37 -20.06
CA GLU A 57 -28.59 -23.25 -19.34
C GLU A 57 -27.54 -23.76 -18.35
N PHE A 58 -27.60 -25.06 -18.07
CA PHE A 58 -26.61 -25.69 -17.20
C PHE A 58 -25.55 -26.40 -18.03
N GLU A 59 -25.90 -26.70 -19.28
CA GLU A 59 -24.98 -27.35 -20.20
C GLU A 59 -23.99 -26.35 -20.78
N VAL A 60 -24.32 -25.07 -20.69
CA VAL A 60 -23.46 -24.01 -21.19
C VAL A 60 -22.47 -23.56 -20.10
N LEU A 61 -22.92 -23.64 -18.85
CA LEU A 61 -22.06 -23.29 -17.71
C LEU A 61 -21.06 -24.38 -17.42
N LYS A 62 -21.33 -25.59 -17.92
CA LYS A 62 -20.44 -26.73 -17.74
C LYS A 62 -19.15 -26.54 -18.52
N LYS A 63 -19.27 -26.19 -19.80
CA LYS A 63 -18.11 -26.02 -20.65
C LYS A 63 -17.43 -24.67 -20.40
N LEU A 64 -18.13 -23.78 -19.71
CA LEU A 64 -17.60 -22.47 -19.37
C LEU A 64 -16.49 -22.62 -18.33
N ASN A 65 -15.25 -22.49 -18.78
CA ASN A 65 -14.09 -22.67 -17.91
C ASN A 65 -13.20 -21.42 -17.84
N HIS A 66 -12.87 -21.02 -16.62
CA HIS A 66 -11.99 -19.87 -16.40
C HIS A 66 -11.39 -19.92 -15.00
N LYS A 67 -10.24 -19.27 -14.83
CA LYS A 67 -9.55 -19.24 -13.55
C LYS A 67 -10.30 -18.38 -12.53
N ASN A 68 -10.93 -17.31 -13.02
CA ASN A 68 -11.64 -16.39 -12.15
C ASN A 68 -13.13 -16.70 -12.02
N ILE A 69 -13.49 -17.96 -12.29
CA ILE A 69 -14.88 -18.38 -12.20
C ILE A 69 -15.00 -19.76 -11.55
N VAL A 70 -15.89 -19.86 -10.56
CA VAL A 70 -16.14 -21.14 -9.89
C VAL A 70 -16.69 -22.16 -10.88
N LYS A 71 -16.05 -23.34 -10.92
CA LYS A 71 -16.38 -24.35 -11.91
C LYS A 71 -17.63 -25.15 -11.56
N LEU A 72 -18.48 -25.38 -12.56
CA LEU A 72 -19.63 -26.25 -12.42
C LEU A 72 -19.30 -27.63 -12.99
N PHE A 73 -19.27 -28.64 -12.13
CA PHE A 73 -18.85 -29.97 -12.52
C PHE A 73 -19.95 -30.80 -13.19
N ALA A 74 -21.09 -30.94 -12.51
CA ALA A 74 -22.17 -31.77 -13.03
C ALA A 74 -23.56 -31.33 -12.55
N ILE A 75 -24.58 -31.85 -13.21
CA ILE A 75 -25.96 -31.56 -12.85
C ILE A 75 -26.68 -32.86 -12.51
N GLU A 76 -26.90 -33.10 -11.22
CA GLU A 76 -27.50 -34.34 -10.77
C GLU A 76 -28.81 -34.10 -10.04
N GLU A 77 -29.63 -35.14 -9.91
CA GLU A 77 -30.93 -35.04 -9.26
C GLU A 77 -30.93 -35.74 -7.91
N GLU A 78 -31.58 -35.12 -6.92
CA GLU A 78 -31.67 -35.66 -5.58
C GLU A 78 -32.37 -37.02 -5.59
N THR A 79 -32.02 -37.88 -4.64
CA THR A 79 -32.57 -39.24 -4.57
C THR A 79 -34.06 -39.25 -4.27
N THR A 80 -34.47 -38.45 -3.30
CA THR A 80 -35.87 -38.43 -2.85
C THR A 80 -36.68 -37.32 -3.52
N THR A 81 -36.28 -36.08 -3.30
CA THR A 81 -37.03 -34.93 -3.78
C THR A 81 -36.90 -34.71 -5.29
N ARG A 82 -35.89 -35.34 -5.89
CA ARG A 82 -35.60 -35.19 -7.32
C ARG A 82 -35.39 -33.72 -7.68
N HIS A 83 -34.74 -32.98 -6.79
CA HIS A 83 -34.42 -31.58 -7.03
C HIS A 83 -33.13 -31.46 -7.85
N LYS A 84 -33.07 -30.46 -8.71
CA LYS A 84 -31.90 -30.21 -9.52
C LYS A 84 -30.74 -29.75 -8.65
N VAL A 85 -29.69 -30.58 -8.57
CA VAL A 85 -28.54 -30.28 -7.74
C VAL A 85 -27.30 -29.98 -8.58
N LEU A 86 -26.69 -28.84 -8.33
CA LEU A 86 -25.47 -28.45 -9.03
C LEU A 86 -24.23 -28.82 -8.24
N ILE A 87 -23.35 -29.62 -8.84
CA ILE A 87 -22.09 -29.97 -8.21
C ILE A 87 -21.05 -28.90 -8.49
N MET A 88 -20.92 -27.95 -7.57
CA MET A 88 -20.03 -26.82 -7.75
C MET A 88 -18.65 -27.07 -7.11
N GLU A 89 -17.70 -26.21 -7.44
CA GLU A 89 -16.37 -26.28 -6.86
C GLU A 89 -16.38 -25.72 -5.43
N PHE A 90 -15.79 -26.47 -4.50
CA PHE A 90 -15.78 -26.05 -3.11
C PHE A 90 -14.64 -25.08 -2.80
N CYS A 91 -14.97 -23.96 -2.17
CA CYS A 91 -13.99 -22.96 -1.79
C CYS A 91 -13.86 -22.89 -0.27
N PRO A 92 -12.90 -23.63 0.30
CA PRO A 92 -12.70 -23.77 1.75
C PRO A 92 -12.48 -22.45 2.48
N CYS A 93 -11.90 -21.48 1.79
CA CYS A 93 -11.57 -20.20 2.41
C CYS A 93 -12.78 -19.29 2.59
N GLY A 94 -13.76 -19.44 1.71
CA GLY A 94 -14.96 -18.62 1.78
C GLY A 94 -15.02 -17.61 0.65
N SER A 95 -15.62 -16.45 0.93
CA SER A 95 -15.76 -15.41 -0.07
C SER A 95 -15.04 -14.13 0.35
N LEU A 96 -15.18 -13.09 -0.46
CA LEU A 96 -14.56 -11.80 -0.17
C LEU A 96 -15.16 -11.18 1.09
N TYR A 97 -16.44 -11.46 1.31
CA TYR A 97 -17.12 -11.01 2.52
C TYR A 97 -16.46 -11.61 3.76
N THR A 98 -16.09 -12.88 3.66
CA THR A 98 -15.44 -13.58 4.76
C THR A 98 -14.11 -12.90 5.11
N VAL A 99 -13.38 -12.49 4.08
CA VAL A 99 -12.11 -11.80 4.25
C VAL A 99 -12.31 -10.46 4.94
N LEU A 100 -13.36 -9.75 4.54
CA LEU A 100 -13.67 -8.44 5.11
C LEU A 100 -14.20 -8.54 6.53
N GLU A 101 -14.65 -9.74 6.91
CA GLU A 101 -15.13 -9.99 8.26
C GLU A 101 -13.98 -9.97 9.27
N GLU A 102 -12.77 -10.18 8.78
CA GLU A 102 -11.59 -10.18 9.63
C GLU A 102 -11.25 -8.77 10.10
N PRO A 103 -10.88 -8.64 11.39
CA PRO A 103 -10.50 -7.35 11.98
C PRO A 103 -9.22 -6.78 11.35
N SER A 104 -8.39 -7.65 10.80
CA SER A 104 -7.16 -7.23 10.14
C SER A 104 -7.46 -6.44 8.86
N ASN A 105 -8.68 -6.59 8.36
CA ASN A 105 -9.10 -5.87 7.17
C ASN A 105 -10.26 -4.93 7.46
N ALA A 106 -10.32 -4.47 8.71
CA ALA A 106 -11.38 -3.58 9.15
C ALA A 106 -11.27 -2.22 8.47
N TYR A 107 -10.04 -1.85 8.13
CA TYR A 107 -9.78 -0.57 7.47
C TYR A 107 -9.16 -0.79 6.09
N GLY A 108 -9.66 -1.80 5.39
CA GLY A 108 -9.19 -2.10 4.05
C GLY A 108 -8.26 -3.29 3.98
N LEU A 109 -8.21 -3.91 2.80
CA LEU A 109 -7.32 -5.04 2.56
C LEU A 109 -5.89 -4.57 2.38
N PRO A 110 -4.91 -5.47 2.59
CA PRO A 110 -3.52 -5.15 2.25
C PRO A 110 -3.39 -4.83 0.76
N GLU A 111 -2.44 -3.99 0.41
CA GLU A 111 -2.29 -3.52 -0.97
C GLU A 111 -2.08 -4.66 -1.96
N SER A 112 -1.24 -5.62 -1.59
CA SER A 112 -0.96 -6.77 -2.44
C SER A 112 -2.21 -7.61 -2.67
N GLU A 113 -2.99 -7.80 -1.60
CA GLU A 113 -4.21 -8.59 -1.67
C GLU A 113 -5.28 -7.86 -2.49
N PHE A 114 -5.28 -6.53 -2.43
CA PHE A 114 -6.23 -5.73 -3.18
C PHE A 114 -5.99 -5.84 -4.68
N LEU A 115 -4.72 -5.86 -5.06
CA LEU A 115 -4.35 -5.97 -6.47
C LEU A 115 -4.80 -7.31 -7.04
N ILE A 116 -4.78 -8.35 -6.20
CA ILE A 116 -5.26 -9.66 -6.61
C ILE A 116 -6.76 -9.63 -6.84
N VAL A 117 -7.48 -9.00 -5.91
CA VAL A 117 -8.93 -8.87 -6.02
C VAL A 117 -9.31 -8.12 -7.28
N LEU A 118 -8.62 -7.01 -7.55
CA LEU A 118 -8.89 -6.20 -8.72
C LEU A 118 -8.64 -7.01 -10.00
N ARG A 119 -7.51 -7.71 -10.02
CA ARG A 119 -7.10 -8.49 -11.19
C ARG A 119 -8.08 -9.60 -11.52
N ASP A 120 -8.53 -10.30 -10.48
CA ASP A 120 -9.43 -11.45 -10.68
C ASP A 120 -10.86 -11.02 -11.05
N VAL A 121 -11.37 -10.00 -10.37
CA VAL A 121 -12.73 -9.52 -10.64
C VAL A 121 -12.85 -9.00 -12.07
N VAL A 122 -11.88 -8.21 -12.51
CA VAL A 122 -11.85 -7.68 -13.86
C VAL A 122 -11.77 -8.81 -14.89
N GLY A 123 -10.90 -9.77 -14.64
CA GLY A 123 -10.74 -10.91 -15.52
C GLY A 123 -11.98 -11.77 -15.59
N GLY A 124 -12.72 -11.83 -14.49
CA GLY A 124 -13.94 -12.61 -14.42
C GLY A 124 -15.07 -11.99 -15.22
N MET A 125 -15.30 -10.71 -15.02
CA MET A 125 -16.37 -9.99 -15.71
C MET A 125 -16.11 -9.91 -17.21
N ASN A 126 -14.85 -9.73 -17.57
CA ASN A 126 -14.46 -9.66 -18.98
C ASN A 126 -14.77 -10.96 -19.71
N HIS A 127 -14.57 -12.08 -19.01
CA HIS A 127 -14.86 -13.39 -19.57
C HIS A 127 -16.37 -13.58 -19.74
N LEU A 128 -17.13 -12.98 -18.83
CA LEU A 128 -18.59 -13.05 -18.89
C LEU A 128 -19.12 -12.16 -20.01
N ARG A 129 -18.35 -11.12 -20.35
CA ARG A 129 -18.73 -10.22 -21.43
C ARG A 129 -18.51 -10.90 -22.78
N GLU A 130 -17.49 -11.76 -22.84
CA GLU A 130 -17.19 -12.52 -24.04
C GLU A 130 -18.33 -13.49 -24.36
N ASN A 131 -19.01 -13.94 -23.31
CA ASN A 131 -20.16 -14.83 -23.46
C ASN A 131 -21.47 -14.06 -23.46
N GLY A 132 -21.39 -12.76 -23.22
CA GLY A 132 -22.55 -11.89 -23.29
C GLY A 132 -23.32 -11.75 -21.98
N ILE A 133 -23.12 -12.70 -21.07
CA ILE A 133 -23.85 -12.70 -19.81
C ILE A 133 -23.38 -11.59 -18.86
N VAL A 134 -24.35 -10.85 -18.32
CA VAL A 134 -24.05 -9.76 -17.39
C VAL A 134 -24.47 -10.18 -15.97
N HIS A 135 -23.65 -9.83 -14.99
CA HIS A 135 -23.89 -10.26 -13.62
C HIS A 135 -24.70 -9.23 -12.83
N ARG A 136 -24.18 -8.00 -12.75
CA ARG A 136 -24.81 -6.91 -11.98
C ARG A 136 -24.87 -7.16 -10.47
N ASP A 137 -25.25 -8.37 -10.09
CA ASP A 137 -25.34 -8.75 -8.67
C ASP A 137 -23.96 -9.15 -8.14
N ILE A 138 -22.95 -8.33 -8.40
CA ILE A 138 -21.60 -8.63 -7.94
C ILE A 138 -21.35 -8.08 -6.53
N LYS A 139 -21.32 -9.00 -5.57
CA LYS A 139 -21.13 -8.68 -4.17
C LYS A 139 -19.95 -9.49 -3.66
N PRO A 140 -19.21 -8.96 -2.67
CA PRO A 140 -18.15 -9.70 -1.99
C PRO A 140 -18.59 -11.10 -1.53
N GLY A 141 -19.89 -11.28 -1.31
CA GLY A 141 -20.43 -12.59 -0.98
C GLY A 141 -20.52 -13.49 -2.20
N ASN A 142 -20.56 -12.88 -3.38
CA ASN A 142 -20.61 -13.64 -4.64
C ASN A 142 -19.24 -13.78 -5.27
N ILE A 143 -18.20 -13.41 -4.52
CA ILE A 143 -16.83 -13.52 -5.00
C ILE A 143 -16.03 -14.45 -4.09
N MET A 144 -15.91 -15.71 -4.51
CA MET A 144 -15.25 -16.73 -3.70
C MET A 144 -13.73 -16.61 -3.73
N ARG A 145 -13.08 -17.17 -2.72
CA ARG A 145 -11.63 -17.11 -2.61
C ARG A 145 -11.01 -18.49 -2.37
N VAL A 146 -10.03 -18.84 -3.19
CA VAL A 146 -9.30 -20.09 -3.01
C VAL A 146 -7.79 -19.82 -2.95
N ILE A 147 -7.05 -20.76 -2.38
CA ILE A 147 -5.60 -20.64 -2.30
C ILE A 147 -4.95 -21.37 -3.46
N GLY A 148 -4.26 -20.63 -4.32
CA GLY A 148 -3.59 -21.20 -5.46
C GLY A 148 -2.41 -22.06 -5.08
N GLU A 149 -1.78 -22.67 -6.09
CA GLU A 149 -0.63 -23.54 -5.86
C GLU A 149 0.58 -22.78 -5.35
N ASP A 150 0.63 -21.48 -5.63
CA ASP A 150 1.75 -20.64 -5.20
C ASP A 150 1.47 -19.93 -3.88
N GLY A 151 0.37 -20.30 -3.23
CA GLY A 151 0.03 -19.72 -1.94
C GLY A 151 -0.77 -18.44 -2.01
N GLN A 152 -0.78 -17.81 -3.18
CA GLN A 152 -1.52 -16.56 -3.38
C GLN A 152 -3.00 -16.83 -3.60
N SER A 153 -3.84 -15.92 -3.11
CA SER A 153 -5.29 -16.07 -3.23
C SER A 153 -5.74 -15.97 -4.69
N VAL A 154 -6.79 -16.70 -5.01
CA VAL A 154 -7.42 -16.59 -6.34
C VAL A 154 -8.91 -16.39 -6.18
N TYR A 155 -9.43 -15.30 -6.75
CA TYR A 155 -10.84 -14.96 -6.58
C TYR A 155 -11.69 -15.35 -7.78
N LYS A 156 -12.84 -15.94 -7.50
CA LYS A 156 -13.73 -16.45 -8.54
C LYS A 156 -15.17 -15.96 -8.35
N LEU A 157 -15.91 -15.90 -9.44
CA LEU A 157 -17.33 -15.53 -9.39
C LEU A 157 -18.18 -16.78 -9.46
N THR A 158 -19.45 -16.69 -9.03
CA THR A 158 -20.31 -17.86 -9.01
C THR A 158 -21.81 -17.57 -9.17
N ASP A 159 -22.35 -16.69 -8.34
CA ASP A 159 -23.79 -16.45 -8.33
C ASP A 159 -24.21 -15.46 -9.40
N PHE A 160 -24.21 -15.91 -10.65
CA PHE A 160 -24.59 -15.07 -11.78
C PHE A 160 -25.56 -15.78 -12.71
N GLY A 161 -26.20 -15.00 -13.59
CA GLY A 161 -27.12 -15.55 -14.58
C GLY A 161 -28.43 -16.01 -13.98
N ALA A 162 -28.74 -15.51 -12.79
CA ALA A 162 -29.98 -15.88 -12.10
C ALA A 162 -31.05 -14.80 -12.27
N ALA A 163 -30.86 -13.95 -13.27
CA ALA A 163 -31.80 -12.86 -13.54
C ALA A 163 -32.89 -13.28 -14.51
N ARG A 164 -32.56 -14.21 -15.40
CA ARG A 164 -33.51 -14.72 -16.39
C ARG A 164 -34.62 -15.53 -15.73
N GLU A 165 -34.25 -16.32 -14.73
CA GLU A 165 -35.20 -17.20 -14.06
C GLU A 165 -35.99 -16.46 -12.98
N LEU A 166 -35.36 -15.45 -12.39
CA LEU A 166 -36.01 -14.63 -11.36
C LEU A 166 -36.50 -13.30 -11.94
N GLY A 177 -29.14 -6.70 -8.19
CA GLY A 177 -28.00 -6.35 -7.37
C GLY A 177 -28.33 -6.36 -5.89
N THR A 178 -27.29 -6.46 -5.05
CA THR A 178 -27.47 -6.45 -3.61
C THR A 178 -27.88 -5.05 -3.16
N GLU A 179 -28.67 -4.98 -2.10
CA GLU A 179 -29.29 -3.73 -1.64
C GLU A 179 -28.32 -2.57 -1.39
N GLU A 180 -27.11 -2.88 -0.92
CA GLU A 180 -26.11 -1.85 -0.68
C GLU A 180 -25.21 -1.65 -1.89
N TYR A 181 -25.53 -2.35 -2.98
CA TYR A 181 -24.71 -2.30 -4.19
C TYR A 181 -25.57 -2.02 -5.41
N LEU A 182 -26.63 -1.25 -5.22
CA LEU A 182 -27.57 -0.96 -6.29
C LEU A 182 -27.33 0.38 -6.97
N HIS A 183 -27.50 0.40 -8.29
CA HIS A 183 -27.42 1.63 -9.07
C HIS A 183 -28.67 2.46 -8.80
N PRO A 184 -28.53 3.79 -8.70
CA PRO A 184 -29.65 4.70 -8.40
C PRO A 184 -30.84 4.52 -9.34
N ASP A 185 -30.57 4.37 -10.64
CA ASP A 185 -31.64 4.18 -11.61
C ASP A 185 -32.20 2.75 -11.52
N MET A 186 -31.40 1.85 -10.96
CA MET A 186 -31.81 0.46 -10.77
C MET A 186 -32.43 0.30 -9.39
N TYR A 187 -32.07 1.20 -8.48
CA TYR A 187 -32.58 1.18 -7.12
C TYR A 187 -34.08 1.47 -7.12
N GLU A 188 -34.51 2.34 -8.03
CA GLU A 188 -35.92 2.70 -8.14
C GLU A 188 -36.72 1.59 -8.81
N GLY A 201 -28.17 0.64 -20.13
CA GLY A 201 -26.87 0.15 -20.56
C GLY A 201 -26.20 -0.70 -19.50
N ALA A 202 -24.88 -0.83 -19.61
CA ALA A 202 -24.10 -1.61 -18.67
C ALA A 202 -23.60 -0.76 -17.51
N THR A 203 -24.21 0.41 -17.34
CA THR A 203 -23.85 1.33 -16.27
C THR A 203 -24.21 0.75 -14.91
N VAL A 204 -25.38 0.10 -14.85
CA VAL A 204 -25.87 -0.49 -13.60
C VAL A 204 -25.01 -1.66 -13.15
N ASP A 205 -24.25 -2.23 -14.08
CA ASP A 205 -23.37 -3.35 -13.76
C ASP A 205 -22.06 -2.86 -13.15
N LEU A 206 -21.50 -1.81 -13.72
CA LEU A 206 -20.22 -1.27 -13.26
C LEU A 206 -20.34 -0.53 -11.94
N TRP A 207 -21.58 -0.26 -11.51
CA TRP A 207 -21.82 0.44 -10.26
C TRP A 207 -21.38 -0.38 -9.05
N SER A 208 -21.94 -1.58 -8.93
CA SER A 208 -21.68 -2.44 -7.78
C SER A 208 -20.21 -2.85 -7.68
N ILE A 209 -19.49 -2.74 -8.79
CA ILE A 209 -18.08 -3.09 -8.83
C ILE A 209 -17.26 -2.06 -8.07
N GLY A 210 -17.57 -0.80 -8.30
CA GLY A 210 -16.91 0.29 -7.60
C GLY A 210 -17.21 0.25 -6.12
N VAL A 211 -18.45 -0.09 -5.78
CA VAL A 211 -18.87 -0.21 -4.39
C VAL A 211 -18.11 -1.36 -3.73
N THR A 212 -17.86 -2.42 -4.50
CA THR A 212 -17.09 -3.55 -4.02
C THR A 212 -15.62 -3.18 -3.88
N PHE A 213 -15.11 -2.45 -4.88
CA PHE A 213 -13.71 -2.03 -4.88
C PHE A 213 -13.41 -1.05 -3.75
N TYR A 214 -14.33 -0.12 -3.51
CA TYR A 214 -14.18 0.81 -2.40
C TYR A 214 -14.20 0.06 -1.08
N HIS A 215 -15.12 -0.90 -0.99
CA HIS A 215 -15.32 -1.68 0.24
C HIS A 215 -14.07 -2.48 0.58
N ALA A 216 -13.42 -3.03 -0.44
CA ALA A 216 -12.23 -3.84 -0.25
C ALA A 216 -11.03 -2.98 0.16
N ALA A 217 -11.03 -1.73 -0.28
CA ALA A 217 -9.91 -0.83 -0.01
C ALA A 217 -10.10 -0.02 1.26
N THR A 218 -11.35 0.14 1.68
CA THR A 218 -11.67 0.95 2.85
C THR A 218 -12.07 0.08 4.04
N GLY A 219 -12.75 -1.01 3.77
CA GLY A 219 -13.30 -1.85 4.81
C GLY A 219 -14.69 -1.36 5.20
N SER A 220 -15.17 -0.37 4.47
CA SER A 220 -16.47 0.23 4.73
C SER A 220 -17.19 0.54 3.42
N LEU A 221 -18.51 0.69 3.50
CA LEU A 221 -19.31 1.05 2.32
C LEU A 221 -19.09 2.52 1.98
N PRO A 222 -19.18 2.85 0.68
CA PRO A 222 -18.98 4.23 0.23
C PRO A 222 -20.09 5.19 0.67
N PHE A 223 -21.34 4.71 0.63
CA PHE A 223 -22.48 5.56 0.95
C PHE A 223 -23.22 5.04 2.18
N ARG A 224 -22.96 5.65 3.33
CA ARG A 224 -23.53 5.19 4.59
C ARG A 224 -24.34 6.28 5.29
N PRO A 225 -25.58 5.94 5.68
CA PRO A 225 -26.36 6.81 6.57
C PRO A 225 -25.81 6.73 7.99
N PHE A 226 -26.56 7.23 8.97
CA PHE A 226 -26.11 7.18 10.37
C PHE A 226 -26.47 5.87 11.05
N GLU A 227 -27.75 5.51 10.99
CA GLU A 227 -28.24 4.29 11.63
C GLU A 227 -28.16 3.08 10.71
N GLY A 228 -27.41 3.22 9.61
CA GLY A 228 -27.23 2.13 8.67
C GLY A 228 -28.28 2.11 7.58
N PRO A 229 -28.06 1.27 6.56
CA PRO A 229 -28.97 1.14 5.42
C PRO A 229 -30.21 0.30 5.74
N ARG A 230 -31.10 0.84 6.57
CA ARG A 230 -32.34 0.15 6.91
C ARG A 230 -33.54 1.08 6.82
N ARG A 231 -33.97 1.63 7.94
CA ARG A 231 -35.07 2.59 7.95
C ARG A 231 -34.59 3.95 7.46
N ASN A 232 -33.33 4.27 7.76
CA ASN A 232 -32.71 5.51 7.30
C ASN A 232 -32.13 5.35 5.89
N LYS A 233 -32.50 4.28 5.22
CA LYS A 233 -32.03 4.03 3.86
C LYS A 233 -32.84 4.85 2.86
N GLU A 234 -33.91 5.46 3.36
CA GLU A 234 -34.70 6.39 2.56
C GLU A 234 -33.86 7.65 2.31
N VAL A 235 -32.99 7.95 3.26
CA VAL A 235 -32.05 9.06 3.14
C VAL A 235 -30.87 8.62 2.27
N MET A 236 -30.60 7.32 2.27
CA MET A 236 -29.49 6.76 1.50
C MET A 236 -29.71 6.93 0.01
N TYR A 237 -30.97 6.86 -0.42
CA TYR A 237 -31.30 7.05 -1.82
C TYR A 237 -31.12 8.51 -2.23
N LYS A 238 -31.29 9.41 -1.26
CA LYS A 238 -31.06 10.84 -1.49
C LYS A 238 -29.57 11.09 -1.70
N ILE A 239 -28.75 10.29 -1.04
CA ILE A 239 -27.30 10.40 -1.15
C ILE A 239 -26.83 10.03 -2.55
N ILE A 240 -27.34 8.91 -3.07
CA ILE A 240 -26.94 8.44 -4.39
C ILE A 240 -27.45 9.35 -5.49
N THR A 241 -28.68 9.82 -5.35
CA THR A 241 -29.29 10.71 -6.33
C THR A 241 -28.73 12.13 -6.23
N GLY A 242 -27.99 12.39 -5.15
CA GLY A 242 -27.33 13.67 -4.97
C GLY A 242 -26.25 13.87 -6.03
N LYS A 243 -25.65 12.77 -6.45
CA LYS A 243 -24.61 12.74 -7.49
C LYS A 243 -23.66 13.94 -7.53
N PRO A 244 -22.67 13.98 -6.62
CA PRO A 244 -21.66 15.03 -6.58
C PRO A 244 -20.52 14.77 -7.57
N SER A 245 -20.78 13.92 -8.56
CA SER A 245 -19.84 13.63 -9.63
C SER A 245 -18.52 13.03 -9.15
N GLY A 246 -17.53 13.90 -8.94
CA GLY A 246 -16.18 13.46 -8.61
C GLY A 246 -16.03 12.70 -7.30
N ALA A 247 -16.94 12.95 -6.37
CA ALA A 247 -16.88 12.31 -5.05
C ALA A 247 -17.19 10.82 -5.14
N ILE A 248 -16.71 10.07 -4.17
CA ILE A 248 -16.90 8.62 -4.15
C ILE A 248 -17.39 8.14 -2.78
N SER A 249 -17.66 9.09 -1.89
CA SER A 249 -18.11 8.75 -0.54
C SER A 249 -19.18 9.72 -0.03
N GLY A 250 -20.22 9.17 0.58
CA GLY A 250 -21.29 9.97 1.14
C GLY A 250 -21.72 9.45 2.49
N VAL A 251 -21.20 10.04 3.55
CA VAL A 251 -21.47 9.57 4.91
C VAL A 251 -21.93 10.70 5.84
N GLN A 252 -23.04 10.48 6.53
CA GLN A 252 -23.50 11.42 7.55
C GLN A 252 -23.05 10.96 8.94
N LYS A 253 -22.29 11.81 9.62
CA LYS A 253 -21.73 11.46 10.92
C LYS A 253 -22.74 11.64 12.05
N ALA A 254 -23.91 12.17 11.72
CA ALA A 254 -24.95 12.40 12.73
C ALA A 254 -26.31 11.92 12.26
N GLU A 255 -27.25 11.80 13.20
CA GLU A 255 -28.59 11.33 12.89
C GLU A 255 -29.36 12.32 12.03
N ASN A 256 -29.63 11.92 10.79
CA ASN A 256 -30.38 12.74 9.84
C ASN A 256 -29.76 14.13 9.63
N GLY A 257 -28.44 14.17 9.58
CA GLY A 257 -27.73 15.42 9.38
C GLY A 257 -27.29 15.58 7.93
N PRO A 258 -26.27 16.43 7.70
CA PRO A 258 -25.73 16.67 6.37
C PRO A 258 -24.84 15.51 5.93
N ILE A 259 -24.64 15.37 4.62
CA ILE A 259 -23.80 14.30 4.09
C ILE A 259 -22.40 14.78 3.77
N ASP A 260 -21.41 14.21 4.45
CA ASP A 260 -20.01 14.57 4.25
C ASP A 260 -19.48 13.87 2.99
N TRP A 261 -19.23 14.66 1.95
CA TRP A 261 -18.74 14.12 0.69
C TRP A 261 -17.21 14.09 0.66
N SER A 262 -16.66 13.23 -0.18
CA SER A 262 -15.21 13.12 -0.34
C SER A 262 -14.83 12.47 -1.66
N GLY A 263 -13.97 13.13 -2.42
CA GLY A 263 -13.50 12.62 -3.68
C GLY A 263 -12.19 11.87 -3.54
N ASP A 264 -11.85 11.53 -2.30
CA ASP A 264 -10.61 10.82 -2.02
C ASP A 264 -10.86 9.69 -1.03
N MET A 265 -9.82 8.92 -0.74
CA MET A 265 -9.93 7.79 0.18
C MET A 265 -9.50 8.17 1.59
N PRO A 266 -10.07 7.50 2.60
CA PRO A 266 -9.76 7.77 4.01
C PRO A 266 -8.27 7.63 4.33
N VAL A 267 -7.85 8.25 5.43
CA VAL A 267 -6.46 8.20 5.86
C VAL A 267 -6.09 6.81 6.36
N SER A 268 -7.08 6.10 6.91
CA SER A 268 -6.87 4.78 7.47
C SER A 268 -6.67 3.72 6.39
N CYS A 269 -6.78 4.13 5.12
CA CYS A 269 -6.60 3.23 4.00
C CYS A 269 -5.18 2.66 3.97
N SER A 270 -5.07 1.35 3.83
CA SER A 270 -3.78 0.68 3.87
C SER A 270 -3.08 0.70 2.51
N LEU A 271 -3.69 1.39 1.55
CA LEU A 271 -3.13 1.47 0.20
C LEU A 271 -2.07 2.56 0.11
N SER A 272 -1.07 2.35 -0.74
CA SER A 272 -0.01 3.32 -0.94
C SER A 272 -0.52 4.56 -1.66
N ARG A 273 0.21 5.66 -1.54
CA ARG A 273 -0.16 6.92 -2.16
C ARG A 273 -0.15 6.82 -3.68
N GLY A 274 0.79 6.05 -4.21
CA GLY A 274 0.91 5.86 -5.65
C GLY A 274 -0.30 5.19 -6.27
N LEU A 275 -0.89 4.25 -5.54
CA LEU A 275 -2.04 3.50 -6.05
C LEU A 275 -3.33 4.31 -5.98
N GLN A 276 -3.50 5.08 -4.91
CA GLN A 276 -4.70 5.87 -4.71
C GLN A 276 -4.92 6.89 -5.82
N VAL A 277 -3.82 7.42 -6.35
CA VAL A 277 -3.88 8.40 -7.44
C VAL A 277 -4.44 7.76 -8.70
N LEU A 278 -4.18 6.47 -8.89
CA LEU A 278 -4.65 5.76 -10.06
C LEU A 278 -6.04 5.15 -9.84
N LEU A 279 -6.34 4.81 -8.60
CA LEU A 279 -7.60 4.15 -8.26
C LEU A 279 -8.78 5.13 -8.18
N THR A 280 -8.53 6.31 -7.63
CA THR A 280 -9.57 7.33 -7.45
C THR A 280 -10.35 7.70 -8.72
N PRO A 281 -9.66 7.99 -9.84
CA PRO A 281 -10.43 8.37 -11.03
C PRO A 281 -11.24 7.21 -11.61
N VAL A 282 -10.80 5.98 -11.34
CA VAL A 282 -11.51 4.79 -11.82
C VAL A 282 -12.87 4.68 -11.15
N LEU A 283 -12.90 4.86 -9.83
CA LEU A 283 -14.13 4.79 -9.06
C LEU A 283 -15.05 5.96 -9.36
N ALA A 284 -14.46 7.15 -9.49
CA ALA A 284 -15.23 8.37 -9.70
C ALA A 284 -15.99 8.35 -11.03
N ASN A 285 -15.45 7.64 -12.01
CA ASN A 285 -16.06 7.57 -13.33
C ASN A 285 -17.00 6.38 -13.50
N ILE A 286 -17.15 5.59 -12.45
CA ILE A 286 -18.08 4.46 -12.46
C ILE A 286 -19.07 4.54 -11.30
N LEU A 287 -19.08 5.68 -10.61
CA LEU A 287 -19.99 5.88 -9.50
C LEU A 287 -20.83 7.15 -9.64
N GLU A 288 -21.71 7.17 -10.64
CA GLU A 288 -22.64 8.28 -10.84
C GLU A 288 -23.81 7.87 -11.73
N ALA A 289 -24.96 8.48 -11.50
CA ALA A 289 -26.19 8.12 -12.21
C ALA A 289 -26.14 8.47 -13.70
N ASP A 290 -25.34 9.48 -14.05
CA ASP A 290 -25.25 9.93 -15.43
C ASP A 290 -24.63 8.86 -16.33
N GLN A 291 -25.36 8.50 -17.38
CA GLN A 291 -24.89 7.50 -18.33
C GLN A 291 -23.96 8.11 -19.36
N GLU A 292 -23.83 9.42 -19.33
CA GLU A 292 -22.96 10.14 -20.26
C GLU A 292 -21.59 10.41 -19.65
N LYS A 293 -21.53 10.38 -18.31
CA LYS A 293 -20.28 10.61 -17.61
C LYS A 293 -19.63 9.31 -17.16
N CYS A 294 -20.42 8.23 -17.15
CA CYS A 294 -19.93 6.93 -16.72
C CYS A 294 -19.21 6.20 -17.84
N TRP A 295 -18.15 5.48 -17.48
CA TRP A 295 -17.37 4.72 -18.46
C TRP A 295 -18.13 3.50 -18.96
N GLY A 296 -17.70 2.99 -20.12
CA GLY A 296 -18.21 1.72 -20.62
C GLY A 296 -17.28 0.61 -20.17
N PHE A 297 -17.63 -0.63 -20.50
CA PHE A 297 -16.81 -1.77 -20.10
C PHE A 297 -15.45 -1.78 -20.80
N ASP A 298 -15.37 -1.14 -21.97
CA ASP A 298 -14.10 -1.02 -22.68
C ASP A 298 -13.20 0.01 -22.00
N GLN A 299 -13.77 1.15 -21.64
CA GLN A 299 -13.04 2.20 -20.94
C GLN A 299 -12.62 1.71 -19.55
N PHE A 300 -13.52 0.97 -18.91
CA PHE A 300 -13.25 0.43 -17.59
C PHE A 300 -12.12 -0.59 -17.63
N PHE A 301 -12.18 -1.49 -18.60
CA PHE A 301 -11.16 -2.52 -18.75
C PHE A 301 -9.79 -1.92 -19.06
N ALA A 302 -9.79 -0.86 -19.87
CA ALA A 302 -8.54 -0.21 -20.29
C ALA A 302 -7.79 0.39 -19.11
N GLU A 303 -8.50 1.17 -18.29
CA GLU A 303 -7.88 1.84 -17.16
C GLU A 303 -7.46 0.87 -16.06
N THR A 304 -8.25 -0.19 -15.87
CA THR A 304 -7.95 -1.20 -14.86
C THR A 304 -6.74 -2.05 -15.28
N SER A 305 -6.73 -2.48 -16.53
CA SER A 305 -5.63 -3.28 -17.04
C SER A 305 -4.33 -2.48 -17.04
N ASP A 306 -4.46 -1.16 -17.19
CA ASP A 306 -3.30 -0.27 -17.16
C ASP A 306 -2.61 -0.32 -15.81
N ILE A 307 -3.41 -0.30 -14.74
CA ILE A 307 -2.87 -0.34 -13.38
C ILE A 307 -2.21 -1.68 -13.08
N LEU A 308 -2.85 -2.76 -13.53
CA LEU A 308 -2.39 -4.11 -13.22
C LEU A 308 -1.08 -4.46 -13.91
N HIS A 309 -0.80 -3.81 -15.04
CA HIS A 309 0.40 -4.08 -15.81
C HIS A 309 1.63 -3.40 -15.23
N ARG A 310 1.42 -2.29 -14.53
CA ARG A 310 2.52 -1.50 -13.99
C ARG A 310 3.32 -2.23 -12.92
N MET A 311 4.62 -2.02 -12.91
CA MET A 311 5.50 -2.57 -11.88
C MET A 311 5.70 -1.55 -10.76
N VAL A 312 6.14 -2.01 -9.60
CA VAL A 312 6.30 -1.14 -8.45
C VAL A 312 7.76 -0.81 -8.14
N ILE A 313 8.05 0.46 -7.95
CA ILE A 313 9.38 0.90 -7.57
C ILE A 313 9.34 1.50 -6.16
N HIS A 314 10.00 0.84 -5.22
CA HIS A 314 10.01 1.31 -3.84
C HIS A 314 11.02 2.44 -3.64
N VAL A 315 10.55 3.56 -3.11
CA VAL A 315 11.40 4.73 -2.91
C VAL A 315 11.10 5.39 -1.56
N PHE A 316 12.15 5.54 -0.74
CA PHE A 316 12.00 6.17 0.58
C PHE A 316 12.72 7.52 0.63
N SER A 317 11.95 8.59 0.73
CA SER A 317 12.51 9.94 0.83
C SER A 317 13.08 10.20 2.22
N LEU A 318 14.40 10.29 2.32
CA LEU A 318 15.05 10.56 3.59
C LEU A 318 14.70 11.93 4.16
N GLN A 319 14.56 12.91 3.27
CA GLN A 319 14.27 14.28 3.67
C GLN A 319 12.92 14.39 4.38
N GLN A 320 11.94 13.67 3.86
CA GLN A 320 10.57 13.76 4.35
C GLN A 320 10.21 12.60 5.28
N MET A 321 11.09 11.60 5.33
CA MET A 321 10.85 10.38 6.10
C MET A 321 9.55 9.71 5.69
N THR A 322 9.37 9.53 4.39
CA THR A 322 8.17 8.90 3.85
C THR A 322 8.51 7.85 2.81
N ALA A 323 7.82 6.72 2.86
CA ALA A 323 7.99 5.68 1.85
C ALA A 323 7.01 5.91 0.71
N HIS A 324 7.38 5.47 -0.49
CA HIS A 324 6.56 5.71 -1.67
C HIS A 324 6.58 4.51 -2.60
N LYS A 325 5.47 4.30 -3.31
CA LYS A 325 5.38 3.23 -4.29
C LYS A 325 5.01 3.81 -5.65
N ILE A 326 6.00 3.93 -6.52
CA ILE A 326 5.78 4.50 -7.84
C ILE A 326 5.26 3.44 -8.82
N TYR A 327 4.02 3.61 -9.25
CA TYR A 327 3.42 2.69 -10.21
C TYR A 327 3.79 3.11 -11.64
N ILE A 328 4.70 2.35 -12.24
CA ILE A 328 5.21 2.68 -13.56
C ILE A 328 5.26 1.42 -14.43
N HIS A 329 5.20 1.61 -15.75
CA HIS A 329 5.32 0.49 -16.68
C HIS A 329 6.78 0.11 -16.87
N SER A 330 7.02 -1.13 -17.28
CA SER A 330 8.37 -1.63 -17.49
C SER A 330 9.02 -1.00 -18.72
N TYR A 331 8.18 -0.53 -19.64
CA TYR A 331 8.69 0.07 -20.87
C TYR A 331 8.90 1.58 -20.75
N ASN A 332 8.50 2.15 -19.61
CA ASN A 332 8.70 3.57 -19.37
C ASN A 332 10.16 3.89 -19.04
N THR A 333 10.57 5.11 -19.35
CA THR A 333 11.94 5.54 -19.12
C THR A 333 12.11 6.16 -17.72
N ALA A 334 13.34 6.56 -17.41
CA ALA A 334 13.63 7.17 -16.12
C ALA A 334 13.15 8.62 -16.05
N THR A 335 12.86 9.19 -17.21
CA THR A 335 12.33 10.55 -17.28
C THR A 335 10.95 10.62 -16.65
N ILE A 336 10.10 9.68 -17.03
CA ILE A 336 8.75 9.59 -16.47
C ILE A 336 8.84 9.16 -15.00
N PHE A 337 9.86 8.38 -14.67
CA PHE A 337 10.10 7.95 -13.30
C PHE A 337 10.36 9.13 -12.37
N HIS A 338 11.30 10.00 -12.75
CA HIS A 338 11.60 11.19 -11.97
C HIS A 338 10.38 12.10 -11.88
N GLU A 339 9.58 12.11 -12.95
CA GLU A 339 8.34 12.88 -12.98
C GLU A 339 7.36 12.38 -11.93
N LEU A 340 7.16 11.06 -11.90
CA LEU A 340 6.23 10.44 -10.97
C LEU A 340 6.68 10.60 -9.52
N VAL A 341 7.99 10.58 -9.31
CA VAL A 341 8.54 10.80 -7.97
C VAL A 341 8.25 12.23 -7.51
N TYR A 342 8.35 13.18 -8.43
CA TYR A 342 8.07 14.58 -8.13
C TYR A 342 6.62 14.79 -7.75
N LYS A 343 5.71 14.08 -8.43
CA LYS A 343 4.28 14.25 -8.20
C LYS A 343 3.86 13.71 -6.83
N GLN A 344 4.77 13.01 -6.16
CA GLN A 344 4.47 12.38 -4.89
C GLN A 344 5.37 12.90 -3.77
N THR A 345 6.49 13.51 -4.15
CA THR A 345 7.46 14.01 -3.16
C THR A 345 7.75 15.49 -3.30
N LYS A 346 7.24 16.11 -4.37
CA LYS A 346 7.46 17.52 -4.65
C LYS A 346 8.94 17.86 -4.80
N ILE A 347 9.71 16.92 -5.34
CA ILE A 347 11.14 17.11 -5.55
C ILE A 347 11.45 17.22 -7.04
N ILE A 348 12.07 18.32 -7.44
CA ILE A 348 12.42 18.55 -8.84
C ILE A 348 13.38 17.49 -9.34
N SER A 349 13.14 17.01 -10.56
CA SER A 349 13.91 15.92 -11.15
C SER A 349 15.42 16.19 -11.20
N SER A 350 15.79 17.46 -11.30
CA SER A 350 17.20 17.84 -11.37
C SER A 350 17.84 17.86 -9.99
N ASN A 351 17.04 17.61 -8.95
CA ASN A 351 17.53 17.60 -7.59
C ASN A 351 17.37 16.24 -6.92
N GLN A 352 16.76 15.30 -7.63
CA GLN A 352 16.53 13.96 -7.10
C GLN A 352 17.80 13.12 -7.15
N GLU A 353 18.58 13.16 -6.06
CA GLU A 353 19.79 12.35 -5.97
C GLU A 353 19.47 10.99 -5.38
N LEU A 354 19.83 9.93 -6.10
CA LEU A 354 19.43 8.57 -5.72
C LEU A 354 20.54 7.80 -5.01
N ILE A 355 20.15 7.03 -4.00
CA ILE A 355 21.08 6.16 -3.28
C ILE A 355 20.52 4.74 -3.23
N TYR A 356 21.35 3.76 -3.55
CA TYR A 356 20.91 2.37 -3.52
C TYR A 356 22.05 1.43 -3.14
N GLU A 357 21.74 0.47 -2.27
CA GLU A 357 22.67 -0.58 -1.86
C GLU A 357 23.95 -0.04 -1.22
N GLY A 358 23.86 1.15 -0.62
CA GLY A 358 24.99 1.74 0.07
C GLY A 358 25.74 2.77 -0.76
N ARG A 359 25.53 2.73 -2.07
CA ARG A 359 26.23 3.63 -2.98
C ARG A 359 25.26 4.53 -3.74
N ARG A 360 25.79 5.59 -4.35
CA ARG A 360 24.99 6.49 -5.17
C ARG A 360 24.59 5.76 -6.45
N LEU A 361 23.41 6.09 -6.97
CA LEU A 361 22.92 5.44 -8.17
C LEU A 361 22.59 6.44 -9.27
N VAL A 362 23.25 6.32 -10.41
CA VAL A 362 23.02 7.21 -11.54
C VAL A 362 22.13 6.56 -12.60
N LEU A 363 21.03 7.23 -12.93
CA LEU A 363 20.08 6.70 -13.89
C LEU A 363 20.08 7.50 -15.18
N GLU A 364 20.16 6.80 -16.31
CA GLU A 364 20.13 7.44 -17.62
C GLU A 364 18.72 7.87 -17.96
N PRO A 365 18.58 9.07 -18.56
CA PRO A 365 17.27 9.67 -18.89
C PRO A 365 16.38 8.77 -19.74
N GLY A 366 16.97 7.84 -20.48
CA GLY A 366 16.21 6.97 -21.36
C GLY A 366 16.33 5.50 -21.01
N ARG A 367 16.70 5.21 -19.76
CA ARG A 367 16.83 3.83 -19.32
C ARG A 367 15.47 3.24 -18.97
N LEU A 368 15.19 2.05 -19.50
CA LEU A 368 13.92 1.38 -19.28
C LEU A 368 13.77 0.90 -17.83
N ALA A 369 12.53 0.70 -17.42
CA ALA A 369 12.23 0.30 -16.05
C ALA A 369 12.50 -1.18 -15.80
N GLN A 370 12.70 -1.93 -16.89
CA GLN A 370 12.98 -3.36 -16.78
C GLN A 370 14.32 -3.61 -16.12
N HIS A 371 15.24 -2.67 -16.29
CA HIS A 371 16.62 -2.85 -15.82
C HIS A 371 16.92 -2.03 -14.58
N PHE A 372 15.87 -1.62 -13.87
CA PHE A 372 16.01 -0.96 -12.59
C PHE A 372 16.42 -1.97 -11.53
N PRO A 373 17.13 -1.52 -10.48
CA PRO A 373 17.58 -2.43 -9.42
C PRO A 373 16.43 -3.06 -8.65
N LYS A 374 16.74 -4.08 -7.87
CA LYS A 374 15.74 -4.82 -7.10
C LYS A 374 15.24 -3.99 -5.92
N THR A 375 13.97 -3.58 -5.99
CA THR A 375 13.39 -2.74 -4.94
C THR A 375 12.42 -3.50 -4.05
N THR A 376 12.51 -3.24 -2.75
CA THR A 376 11.63 -3.85 -1.76
C THR A 376 11.21 -2.78 -0.77
N GLU A 377 10.13 -3.02 -0.05
CA GLU A 377 9.69 -2.11 1.00
C GLU A 377 10.77 -1.98 2.07
N GLU A 378 11.55 -3.04 2.23
CA GLU A 378 12.62 -3.08 3.22
C GLU A 378 13.96 -2.66 2.61
N ASN A 379 14.05 -2.72 1.28
CA ASN A 379 15.24 -2.29 0.56
C ASN A 379 14.90 -1.53 -0.71
N PRO A 380 14.51 -0.26 -0.57
CA PRO A 380 14.08 0.59 -1.68
C PRO A 380 15.21 1.46 -2.21
N ILE A 381 14.84 2.46 -3.01
CA ILE A 381 15.79 3.44 -3.51
C ILE A 381 15.60 4.76 -2.77
N PHE A 382 16.57 5.09 -1.92
CA PHE A 382 16.51 6.32 -1.15
C PHE A 382 16.63 7.55 -2.04
N VAL A 383 16.03 8.66 -1.60
CA VAL A 383 16.10 9.92 -2.33
C VAL A 383 16.50 11.08 -1.43
N VAL A 384 17.62 11.70 -1.77
CA VAL A 384 18.12 12.86 -1.03
C VAL A 384 18.13 14.08 -1.93
N SER A 385 17.84 15.24 -1.36
CA SER A 385 17.81 16.49 -2.15
C SER A 385 18.73 17.54 -1.56
N ARG A 386 18.94 18.62 -2.32
CA ARG A 386 19.75 19.73 -1.86
C ARG A 386 18.87 20.90 -1.40
N GLU A 387 17.66 20.97 -1.93
CA GLU A 387 16.70 21.98 -1.51
C GLU A 387 16.00 21.53 -0.23
N PRO A 388 15.84 22.47 0.73
CA PRO A 388 15.24 22.20 2.04
C PRO A 388 13.84 21.58 1.94
N LEU A 389 13.66 20.44 2.60
CA LEU A 389 12.38 19.75 2.62
C LEU A 389 11.94 19.49 4.06
N ASN A 390 10.68 19.78 4.35
CA ASN A 390 10.14 19.54 5.69
C ASN A 390 9.96 18.05 5.96
N THR A 391 10.41 17.62 7.13
CA THR A 391 10.29 16.21 7.52
C THR A 391 8.87 15.92 8.01
N ILE A 392 8.11 15.22 7.18
CA ILE A 392 6.70 14.93 7.47
C ILE A 392 6.53 13.68 8.31
N GLY A 393 7.07 12.56 7.83
CA GLY A 393 6.90 11.29 8.49
C GLY A 393 5.62 10.60 8.06
N LEU A 394 5.22 9.57 8.79
CA LEU A 394 4.00 8.84 8.47
C LEU A 394 2.75 9.59 8.91
N ILE A 395 1.84 9.81 7.97
CA ILE A 395 0.57 10.45 8.28
C ILE A 395 -0.53 9.41 8.38
N TYR A 396 -1.06 9.23 9.59
CA TYR A 396 -2.11 8.24 9.81
C TYR A 396 -3.27 8.86 10.57
N GLU A 397 -4.35 8.09 10.73
CA GLU A 397 -5.53 8.56 11.43
C GLU A 397 -5.57 8.04 12.85
N LYS A 398 -5.64 8.95 13.83
CA LYS A 398 -5.71 8.57 15.23
C LYS A 398 -7.08 8.04 15.60
N ILE A 399 -7.19 6.73 15.70
CA ILE A 399 -8.47 6.09 16.02
C ILE A 399 -8.45 5.51 17.43
N SER A 400 -9.38 5.96 18.27
CA SER A 400 -9.44 5.49 19.65
C SER A 400 -10.41 4.31 19.79
N LEU A 401 -10.32 3.63 20.93
CA LEU A 401 -11.20 2.49 21.21
C LEU A 401 -12.64 2.94 21.35
N PRO A 402 -13.58 2.11 20.88
CA PRO A 402 -15.01 2.42 21.01
C PRO A 402 -15.56 2.01 22.38
N LYS A 403 -16.54 2.74 22.87
CA LYS A 403 -17.12 2.46 24.18
C LYS A 403 -17.88 1.14 24.19
N VAL A 404 -17.56 0.28 25.16
CA VAL A 404 -18.21 -1.00 25.29
C VAL A 404 -19.37 -0.95 26.29
N HIS A 405 -20.56 -1.30 25.82
CA HIS A 405 -21.76 -1.24 26.65
C HIS A 405 -21.94 -2.51 27.47
N PRO A 406 -22.47 -2.38 28.69
CA PRO A 406 -22.66 -3.52 29.60
C PRO A 406 -23.83 -4.42 29.20
N ARG A 407 -24.45 -4.13 28.06
CA ARG A 407 -25.56 -4.94 27.57
C ARG A 407 -25.06 -6.35 27.22
N TYR A 408 -25.97 -7.32 27.25
CA TYR A 408 -25.61 -8.71 26.99
C TYR A 408 -25.83 -9.09 25.52
N ASP A 409 -26.40 -8.16 24.75
CA ASP A 409 -26.74 -8.39 23.34
C ASP A 409 -25.64 -9.10 22.54
N LEU A 410 -25.84 -10.40 22.33
CA LEU A 410 -24.86 -11.23 21.63
C LEU A 410 -24.52 -10.71 20.25
N ASP A 411 -25.52 -10.19 19.55
CA ASP A 411 -25.31 -9.60 18.23
C ASP A 411 -24.44 -8.36 18.34
N GLY A 412 -24.74 -7.53 19.34
CA GLY A 412 -23.98 -6.32 19.57
C GLY A 412 -22.60 -6.61 20.13
N ASP A 413 -22.48 -7.69 20.89
CA ASP A 413 -21.21 -8.10 21.45
C ASP A 413 -20.27 -8.61 20.37
N ALA A 414 -20.84 -9.15 19.31
CA ALA A 414 -20.05 -9.65 18.18
C ALA A 414 -19.65 -8.51 17.25
N SER A 415 -20.54 -7.53 17.12
CA SER A 415 -20.27 -6.37 16.26
C SER A 415 -19.18 -5.49 16.85
N MET A 416 -19.26 -5.24 18.15
CA MET A 416 -18.29 -4.39 18.82
C MET A 416 -16.95 -5.10 18.98
N ALA A 417 -16.98 -6.43 18.98
CA ALA A 417 -15.76 -7.22 19.07
C ALA A 417 -14.95 -7.11 17.78
N LYS A 418 -15.66 -7.05 16.66
CA LYS A 418 -15.03 -6.87 15.36
C LYS A 418 -14.45 -5.45 15.26
N ALA A 419 -15.16 -4.49 15.85
CA ALA A 419 -14.76 -3.10 15.80
C ALA A 419 -13.54 -2.83 16.67
N ILE A 420 -13.60 -3.23 17.92
CA ILE A 420 -12.52 -2.95 18.88
C ILE A 420 -11.24 -3.70 18.53
N THR A 421 -11.38 -4.84 17.85
CA THR A 421 -10.21 -5.62 17.44
C THR A 421 -9.60 -5.02 16.19
N GLY A 422 -10.44 -4.52 15.29
CA GLY A 422 -9.98 -3.88 14.07
C GLY A 422 -9.17 -2.62 14.34
N VAL A 423 -9.52 -1.91 15.40
CA VAL A 423 -8.81 -0.69 15.79
C VAL A 423 -7.40 -1.02 16.25
N VAL A 424 -7.27 -2.04 17.10
CA VAL A 424 -5.98 -2.49 17.59
C VAL A 424 -5.14 -3.05 16.44
N CYS A 425 -5.79 -3.70 15.49
CA CYS A 425 -5.13 -4.18 14.29
C CYS A 425 -4.50 -3.03 13.53
N TYR A 426 -5.25 -1.93 13.44
CA TYR A 426 -4.77 -0.73 12.76
C TYR A 426 -3.59 -0.13 13.51
N ALA A 427 -3.67 -0.12 14.84
CA ALA A 427 -2.60 0.40 15.66
C ALA A 427 -1.35 -0.45 15.52
N CYS A 428 -1.54 -1.76 15.38
CA CYS A 428 -0.42 -2.67 15.21
C CYS A 428 0.12 -2.55 13.78
N ARG A 429 -0.75 -2.19 12.85
CA ARG A 429 -0.35 -1.98 11.46
C ARG A 429 0.54 -0.74 11.35
N ILE A 430 0.14 0.33 12.05
CA ILE A 430 0.91 1.57 12.06
C ILE A 430 2.23 1.38 12.80
N ALA A 431 2.17 0.65 13.90
CA ALA A 431 3.35 0.42 14.75
C ALA A 431 4.48 -0.25 13.98
N SER A 432 4.15 -1.23 13.15
CA SER A 432 5.15 -1.94 12.36
C SER A 432 5.70 -1.03 11.26
N THR A 433 4.86 -0.10 10.81
CA THR A 433 5.26 0.87 9.79
C THR A 433 6.18 1.92 10.40
N LEU A 434 5.86 2.34 11.62
CA LEU A 434 6.69 3.30 12.34
C LEU A 434 8.08 2.73 12.59
N LEU A 435 8.14 1.42 12.81
CA LEU A 435 9.42 0.74 13.00
C LEU A 435 10.13 0.61 11.66
N LEU A 436 9.36 0.45 10.59
CA LEU A 436 9.91 0.35 9.25
C LEU A 436 10.61 1.65 8.87
N TYR A 437 9.92 2.76 9.10
CA TYR A 437 10.47 4.08 8.77
C TYR A 437 11.76 4.38 9.53
N GLN A 438 11.84 3.93 10.77
CA GLN A 438 13.02 4.18 11.60
C GLN A 438 14.20 3.33 11.16
N GLU A 439 13.96 2.04 10.92
CA GLU A 439 15.00 1.14 10.45
C GLU A 439 15.46 1.52 9.04
N LEU A 440 14.56 2.12 8.28
CA LEU A 440 14.89 2.61 6.94
C LEU A 440 15.71 3.88 7.06
N MET A 441 15.39 4.68 8.08
CA MET A 441 16.08 5.93 8.33
C MET A 441 17.54 5.67 8.71
N ARG A 442 17.74 4.69 9.58
CA ARG A 442 19.09 4.35 10.05
C ARG A 442 19.98 3.85 8.92
N LYS A 443 19.38 3.21 7.92
CA LYS A 443 20.13 2.72 6.78
C LYS A 443 20.50 3.85 5.83
N GLY A 444 19.53 4.69 5.49
CA GLY A 444 19.75 5.80 4.58
C GLY A 444 20.78 6.79 5.10
N ILE A 445 20.76 7.01 6.41
CA ILE A 445 21.72 7.90 7.05
C ILE A 445 23.11 7.28 7.07
N ARG A 446 23.18 5.98 7.36
CA ARG A 446 24.45 5.26 7.37
C ARG A 446 25.08 5.25 5.98
N TRP A 447 24.25 5.13 4.95
CA TRP A 447 24.72 5.14 3.57
C TRP A 447 25.18 6.53 3.17
N LEU A 448 24.42 7.53 3.61
CA LEU A 448 24.69 8.92 3.25
C LEU A 448 26.03 9.42 3.78
N ILE A 449 26.29 9.19 5.07
CA ILE A 449 27.53 9.63 5.70
C ILE A 449 28.75 8.97 5.06
N GLU A 450 28.58 7.77 4.53
CA GLU A 450 29.64 7.08 3.84
C GLU A 450 29.73 7.55 2.39
N LEU A 451 28.60 8.02 1.86
CA LEU A 451 28.57 8.56 0.50
C LEU A 451 29.16 9.96 0.49
N ILE A 452 29.07 10.65 1.62
CA ILE A 452 29.68 11.96 1.77
C ILE A 452 31.19 11.81 1.82
N LYS A 453 31.66 10.78 2.51
CA LYS A 453 33.09 10.49 2.58
C LYS A 453 33.67 10.21 1.19
N ASP A 454 32.82 9.67 0.30
CA ASP A 454 33.21 9.45 -1.08
C ASP A 454 33.38 10.78 -1.81
N ASP A 455 32.56 11.75 -1.44
CA ASP A 455 32.66 13.10 -2.00
C ASP A 455 33.76 13.88 -1.33
N TYR A 456 34.28 13.34 -0.23
CA TYR A 456 35.39 13.95 0.49
C TYR A 456 36.72 13.43 -0.07
N ASN A 457 36.74 12.14 -0.38
CA ASN A 457 37.96 11.51 -0.90
C ASN A 457 38.29 11.97 -2.32
N GLU A 458 37.28 12.38 -3.07
CA GLU A 458 37.49 12.89 -4.42
C GLU A 458 38.05 14.30 -4.39
N THR A 459 37.59 15.10 -3.42
CA THR A 459 38.07 16.47 -3.27
C THR A 459 39.54 16.47 -2.89
N VAL A 460 39.94 15.49 -2.08
CA VAL A 460 41.34 15.33 -1.69
C VAL A 460 42.21 15.04 -2.92
N HIS A 461 41.75 14.10 -3.75
CA HIS A 461 42.47 13.75 -4.97
C HIS A 461 42.41 14.87 -5.99
N LYS A 462 41.40 15.72 -5.89
CA LYS A 462 41.29 16.89 -6.75
C LYS A 462 41.99 18.09 -6.13
N LYS A 463 42.59 17.88 -4.97
CA LYS A 463 43.38 18.91 -4.31
C LYS A 463 44.86 18.63 -4.50
N THR A 464 45.25 17.36 -4.35
CA THR A 464 46.64 16.95 -4.50
C THR A 464 47.14 17.20 -5.92
N GLU A 465 46.24 17.16 -6.88
CA GLU A 465 46.58 17.47 -8.27
C GLU A 465 46.93 18.94 -8.41
N VAL A 466 46.29 19.77 -7.60
CA VAL A 466 46.56 21.21 -7.59
C VAL A 466 47.80 21.49 -6.75
N VAL A 467 47.99 20.71 -5.69
CA VAL A 467 49.16 20.84 -4.82
C VAL A 467 50.45 20.55 -5.57
N ILE A 468 50.47 19.43 -6.28
CA ILE A 468 51.63 19.05 -7.09
C ILE A 468 51.87 20.06 -8.20
N THR A 469 50.78 20.60 -8.74
CA THR A 469 50.86 21.58 -9.81
C THR A 469 51.62 22.84 -9.38
N LEU A 470 51.25 23.39 -8.23
CA LEU A 470 51.91 24.59 -7.72
C LEU A 470 53.33 24.32 -7.27
N ASP A 471 53.58 23.09 -6.81
CA ASP A 471 54.92 22.70 -6.38
C ASP A 471 55.91 22.72 -7.54
N PHE A 472 55.46 22.26 -8.70
CA PHE A 472 56.28 22.30 -9.90
C PHE A 472 56.10 23.62 -10.65
N CYS A 473 55.46 24.58 -9.98
CA CYS A 473 55.28 25.91 -10.53
C CYS A 473 55.98 26.93 -9.63
N ILE A 474 56.05 26.63 -8.34
CA ILE A 474 56.74 27.47 -7.38
C ILE A 474 58.26 27.30 -7.49
N ARG A 475 58.73 26.08 -7.28
CA ARG A 475 60.16 25.81 -7.24
C ARG A 475 60.78 25.74 -8.63
N ASN A 476 59.95 25.92 -9.65
CA ASN A 476 60.44 26.01 -11.03
C ASN A 476 60.71 27.48 -11.38
N ILE A 477 59.95 28.38 -10.78
CA ILE A 477 60.14 29.81 -11.00
C ILE A 477 61.01 30.41 -9.90
N GLU A 478 61.16 29.69 -8.79
CA GLU A 478 62.08 30.10 -7.74
C GLU A 478 63.51 29.72 -8.12
N LYS A 479 63.63 28.80 -9.06
CA LYS A 479 64.93 28.35 -9.55
C LYS A 479 65.41 29.26 -10.68
N THR A 480 64.48 29.72 -11.49
CA THR A 480 64.79 30.56 -12.64
C THR A 480 65.34 31.92 -12.19
N VAL A 481 64.97 32.34 -10.99
CA VAL A 481 65.36 33.65 -10.49
C VAL A 481 66.54 33.57 -9.52
N LYS A 482 66.91 32.35 -9.14
CA LYS A 482 68.03 32.16 -8.22
C LYS A 482 69.30 31.82 -8.97
N VAL A 483 69.28 31.98 -10.29
CA VAL A 483 70.47 31.82 -11.12
C VAL A 483 71.27 33.11 -11.11
N TYR A 484 70.58 34.21 -10.79
CA TYR A 484 71.20 35.53 -10.69
C TYR A 484 71.98 35.93 -11.94
N GLU A 496 62.09 41.91 -16.37
CA GLU A 496 62.39 40.59 -15.85
C GLU A 496 61.96 40.45 -14.40
N LEU A 497 62.53 41.30 -13.54
CA LEU A 497 62.25 41.27 -12.11
C LEU A 497 60.78 41.56 -11.80
N GLY A 498 60.15 42.38 -12.63
CA GLY A 498 58.76 42.74 -12.46
C GLY A 498 57.83 41.56 -12.66
N GLU A 499 58.03 40.84 -13.76
CA GLU A 499 57.23 39.67 -14.08
C GLU A 499 57.43 38.58 -13.03
N ILE A 500 58.68 38.46 -12.57
CA ILE A 500 59.05 37.49 -11.55
C ILE A 500 58.27 37.71 -10.26
N SER A 501 58.26 38.95 -9.78
CA SER A 501 57.60 39.28 -8.52
C SER A 501 56.09 39.13 -8.61
N ASP A 502 55.51 39.45 -9.77
CA ASP A 502 54.08 39.37 -9.97
C ASP A 502 53.56 37.93 -9.83
N ILE A 503 54.18 37.01 -10.55
CA ILE A 503 53.80 35.60 -10.52
C ILE A 503 54.04 35.03 -9.13
N HIS A 504 55.15 35.43 -8.52
CA HIS A 504 55.50 34.96 -7.19
C HIS A 504 54.41 35.30 -6.18
N THR A 505 53.90 36.53 -6.26
CA THR A 505 52.81 36.96 -5.39
C THR A 505 51.51 36.25 -5.75
N LYS A 506 51.29 36.03 -7.05
CA LYS A 506 50.09 35.35 -7.52
C LYS A 506 50.03 33.90 -7.02
N LEU A 507 51.17 33.21 -7.11
CA LEU A 507 51.25 31.82 -6.65
C LEU A 507 51.14 31.72 -5.13
N LEU A 508 51.57 32.77 -4.44
CA LEU A 508 51.48 32.80 -2.98
C LEU A 508 50.04 32.98 -2.52
N ARG A 509 49.26 33.75 -3.27
CA ARG A 509 47.86 33.97 -2.94
C ARG A 509 47.02 32.75 -3.24
N LEU A 510 47.60 31.79 -3.97
CA LEU A 510 46.92 30.55 -4.29
C LEU A 510 47.30 29.44 -3.33
N SER A 511 48.60 29.29 -3.08
CA SER A 511 49.11 28.27 -2.17
C SER A 511 48.64 28.52 -0.74
N SER A 512 48.39 29.79 -0.42
CA SER A 512 47.87 30.15 0.89
C SER A 512 46.38 29.83 0.96
N SER A 513 45.62 30.29 -0.02
CA SER A 513 44.19 30.04 -0.08
C SER A 513 43.90 28.55 -0.18
N GLN A 514 44.83 27.80 -0.76
CA GLN A 514 44.73 26.36 -0.82
C GLN A 514 45.01 25.75 0.55
N GLY A 515 45.88 26.41 1.30
CA GLY A 515 46.26 25.94 2.63
C GLY A 515 45.11 25.92 3.61
N THR A 516 44.25 26.95 3.57
CA THR A 516 43.11 27.02 4.47
C THR A 516 42.02 26.02 4.09
N ILE A 517 41.85 25.79 2.79
CA ILE A 517 40.91 24.79 2.32
C ILE A 517 41.37 23.40 2.76
N GLU A 518 42.67 23.18 2.73
CA GLU A 518 43.27 21.93 3.21
C GLU A 518 42.92 21.67 4.67
N THR A 519 42.90 22.74 5.46
CA THR A 519 42.60 22.62 6.89
C THR A 519 41.11 22.57 7.16
N SER A 520 40.33 23.31 6.37
CA SER A 520 38.88 23.35 6.55
C SER A 520 38.23 22.04 6.14
N LEU A 521 38.90 21.30 5.26
CA LEU A 521 38.43 19.97 4.86
C LEU A 521 38.66 18.96 5.98
N GLN A 522 39.73 19.19 6.75
CA GLN A 522 40.01 18.35 7.92
C GLN A 522 38.97 18.60 9.00
N ASP A 523 38.38 19.78 8.98
CA ASP A 523 37.29 20.11 9.90
C ASP A 523 36.04 19.35 9.49
N ILE A 524 35.85 19.21 8.17
CA ILE A 524 34.76 18.41 7.64
C ILE A 524 35.00 16.94 7.95
N ASP A 525 36.26 16.52 7.82
CA ASP A 525 36.65 15.15 8.18
C ASP A 525 36.48 14.94 9.68
N SER A 526 36.62 16.02 10.44
CA SER A 526 36.40 15.97 11.89
C SER A 526 34.91 15.83 12.18
N ARG A 527 34.08 16.34 11.27
CA ARG A 527 32.64 16.18 11.37
C ARG A 527 32.22 14.78 10.97
N LEU A 528 32.91 14.23 9.97
CA LEU A 528 32.61 12.89 9.47
C LEU A 528 33.17 11.82 10.40
N SER A 529 34.10 12.22 11.27
CA SER A 529 34.67 11.31 12.25
C SER A 529 33.63 10.95 13.30
N PRO A 530 33.74 9.74 13.87
CA PRO A 530 32.82 9.28 14.92
C PRO A 530 32.74 10.25 16.09
N GLY A 531 31.52 10.66 16.44
CA GLY A 531 31.32 11.61 17.52
C GLY A 531 31.70 13.02 17.10
N GLY A 532 31.51 13.32 15.82
CA GLY A 532 31.87 14.61 15.27
C GLY A 532 30.68 15.47 14.92
N SER A 533 29.68 15.49 15.80
CA SER A 533 28.48 16.32 15.63
C SER A 533 27.75 16.04 14.31
N LEU A 534 27.81 14.80 13.85
CA LEU A 534 27.14 14.40 12.63
C LEU A 534 26.91 12.89 12.62
N ALA A 535 27.61 12.19 13.52
CA ALA A 535 27.48 10.74 13.62
C ALA A 535 26.05 10.31 13.93
N ASP A 536 25.68 9.12 13.48
CA ASP A 536 24.34 8.60 13.68
C ASP A 536 24.20 7.85 15.00
N ALA A 537 24.92 8.30 16.02
CA ALA A 537 24.86 7.68 17.33
C ALA A 537 23.49 7.90 17.97
N TRP A 538 22.84 8.99 17.61
CA TRP A 538 21.52 9.31 18.14
C TRP A 538 20.45 8.40 17.55
N ALA A 539 20.66 7.97 16.31
CA ALA A 539 19.67 7.17 15.59
C ALA A 539 19.50 5.79 16.21
N HIS A 540 20.55 5.31 16.88
CA HIS A 540 20.51 4.01 17.53
C HIS A 540 20.15 4.19 19.01
N GLN A 541 19.90 5.43 19.41
CA GLN A 541 19.61 5.74 20.80
C GLN A 541 18.43 6.69 20.94
N GLU A 542 17.38 6.48 20.15
CA GLU A 542 16.22 7.38 20.20
C GLU A 542 14.89 6.65 20.11
N GLY A 543 14.51 6.28 18.89
CA GLY A 543 13.22 5.64 18.66
C GLY A 543 13.17 4.19 19.12
N THR A 544 12.31 3.41 18.47
CA THR A 544 12.15 2.00 18.81
C THR A 544 12.94 1.10 17.87
N HIS A 545 13.29 -0.09 18.35
CA HIS A 545 14.09 -1.03 17.58
C HIS A 545 13.41 -2.40 17.56
N PRO A 546 13.76 -3.25 16.58
CA PRO A 546 13.24 -4.63 16.54
C PRO A 546 13.60 -5.43 17.79
N LYS A 547 14.57 -4.96 18.55
CA LYS A 547 14.97 -5.62 19.79
C LYS A 547 13.90 -5.44 20.85
N ASP A 548 13.14 -4.35 20.75
CA ASP A 548 12.07 -4.06 21.71
C ASP A 548 10.90 -5.00 21.54
N ARG A 549 10.73 -5.50 20.32
CA ARG A 549 9.65 -6.45 19.99
C ARG A 549 8.28 -5.87 20.30
N ASN A 550 8.12 -4.57 20.08
CA ASN A 550 6.86 -3.88 20.37
C ASN A 550 5.71 -4.38 19.51
N VAL A 551 6.01 -4.79 18.28
CA VAL A 551 5.00 -5.30 17.38
C VAL A 551 4.53 -6.67 17.85
N GLU A 552 5.47 -7.50 18.28
CA GLU A 552 5.16 -8.82 18.81
C GLU A 552 4.32 -8.72 20.08
N LYS A 553 4.66 -7.76 20.94
CA LYS A 553 3.91 -7.52 22.16
C LYS A 553 2.47 -7.11 21.85
N LEU A 554 2.31 -6.31 20.80
CA LEU A 554 1.00 -5.85 20.36
C LEU A 554 0.22 -7.00 19.74
N GLN A 555 0.93 -7.93 19.10
CA GLN A 555 0.28 -9.06 18.45
C GLN A 555 -0.24 -10.07 19.47
N VAL A 556 0.48 -10.23 20.57
CA VAL A 556 0.07 -11.13 21.64
C VAL A 556 -1.31 -10.76 22.17
N LEU A 557 -1.49 -9.48 22.48
CA LEU A 557 -2.77 -8.99 22.96
C LEU A 557 -3.82 -9.03 21.86
N LEU A 558 -3.36 -8.82 20.62
CA LEU A 558 -4.25 -8.84 19.47
C LEU A 558 -4.76 -10.24 19.19
N ASN A 559 -3.96 -11.24 19.50
CA ASN A 559 -4.36 -12.63 19.35
C ASN A 559 -5.41 -13.02 20.38
N CYS A 560 -5.24 -12.52 21.60
CA CYS A 560 -6.20 -12.76 22.67
C CYS A 560 -7.56 -12.16 22.33
N MET A 561 -7.55 -11.03 21.65
CA MET A 561 -8.80 -10.36 21.27
C MET A 561 -9.49 -11.03 20.11
N THR A 562 -8.73 -11.37 19.07
CA THR A 562 -9.31 -11.97 17.88
C THR A 562 -9.85 -13.38 18.17
N GLU A 563 -9.29 -14.03 19.18
CA GLU A 563 -9.77 -15.34 19.60
C GLU A 563 -11.16 -15.20 20.23
N ILE A 564 -11.30 -14.19 21.07
CA ILE A 564 -12.59 -13.87 21.70
C ILE A 564 -13.61 -13.46 20.64
N TYR A 565 -13.13 -12.75 19.61
CA TYR A 565 -14.01 -12.31 18.54
C TYR A 565 -14.68 -13.47 17.82
N TYR A 566 -13.88 -14.40 17.32
CA TYR A 566 -14.42 -15.56 16.60
C TYR A 566 -15.31 -16.43 17.50
N GLN A 567 -15.07 -16.35 18.81
CA GLN A 567 -15.91 -17.05 19.77
C GLN A 567 -17.29 -16.40 19.86
N PHE A 568 -17.31 -15.07 19.82
CA PHE A 568 -18.56 -14.32 19.87
C PHE A 568 -19.38 -14.55 18.60
N LYS A 569 -18.71 -14.93 17.52
CA LYS A 569 -19.39 -15.31 16.29
C LYS A 569 -20.10 -16.64 16.50
N LYS A 570 -19.47 -17.51 17.27
CA LYS A 570 -20.03 -18.83 17.57
C LYS A 570 -21.07 -18.73 18.68
N ASP A 571 -21.18 -17.55 19.29
CA ASP A 571 -22.20 -17.30 20.29
C ASP A 571 -23.42 -16.62 19.67
N LYS A 572 -23.17 -15.83 18.65
CA LYS A 572 -24.25 -15.15 17.93
C LYS A 572 -25.05 -16.15 17.12
N ALA A 573 -24.37 -17.17 16.60
CA ALA A 573 -25.02 -18.20 15.80
C ALA A 573 -25.85 -19.15 16.66
N GLU A 574 -25.52 -19.23 17.95
CA GLU A 574 -26.23 -20.09 18.89
C GLU A 574 -27.46 -19.40 19.46
N ARG A 575 -27.72 -18.18 19.01
CA ARG A 575 -28.86 -17.38 19.47
C ARG A 575 -28.86 -17.12 20.98
N ARG A 576 -28.91 -18.19 21.77
CA ARG A 576 -28.83 -18.07 23.22
C ARG A 576 -27.82 -19.08 23.79
N LEU A 577 -27.25 -18.74 24.94
CA LEU A 577 -26.23 -19.59 25.57
C LEU A 577 -26.69 -20.14 26.91
N ALA A 578 -26.00 -21.18 27.39
CA ALA A 578 -26.27 -21.74 28.70
C ALA A 578 -25.76 -20.81 29.78
N TYR A 579 -26.13 -21.08 31.02
CA TYR A 579 -25.73 -20.23 32.15
C TYR A 579 -24.22 -20.14 32.29
N ASN A 580 -23.55 -21.29 32.15
CA ASN A 580 -22.10 -21.33 32.23
C ASN A 580 -21.45 -20.51 31.13
N GLU A 581 -21.90 -20.73 29.90
CA GLU A 581 -21.37 -20.02 28.74
C GLU A 581 -21.78 -18.55 28.74
N GLU A 582 -22.89 -18.24 29.41
CA GLU A 582 -23.36 -16.87 29.53
C GLU A 582 -22.39 -16.04 30.36
N GLN A 583 -21.83 -16.65 31.39
CA GLN A 583 -20.91 -15.96 32.28
C GLN A 583 -19.52 -15.82 31.66
N ILE A 584 -19.09 -16.86 30.96
CA ILE A 584 -17.79 -16.83 30.27
C ILE A 584 -17.80 -15.76 29.19
N HIS A 585 -18.93 -15.61 28.51
CA HIS A 585 -19.11 -14.57 27.52
C HIS A 585 -18.94 -13.18 28.14
N LYS A 586 -19.48 -13.01 29.34
CA LYS A 586 -19.39 -11.74 30.05
C LYS A 586 -17.97 -11.48 30.56
N PHE A 587 -17.29 -12.55 30.97
CA PHE A 587 -15.92 -12.44 31.47
C PHE A 587 -14.97 -12.02 30.37
N ASP A 588 -15.05 -12.71 29.24
CA ASP A 588 -14.17 -12.45 28.10
C ASP A 588 -14.46 -11.09 27.47
N LYS A 589 -15.70 -10.63 27.59
CA LYS A 589 -16.09 -9.32 27.07
C LYS A 589 -15.40 -8.21 27.85
N GLN A 590 -15.27 -8.42 29.16
CA GLN A 590 -14.61 -7.43 30.00
C GLN A 590 -13.09 -7.52 29.82
N LYS A 591 -12.60 -8.72 29.54
CA LYS A 591 -11.18 -8.93 29.27
C LYS A 591 -10.81 -8.46 27.87
N LEU A 592 -11.82 -8.25 27.03
CA LEU A 592 -11.61 -7.73 25.69
C LEU A 592 -11.23 -6.26 25.77
N TYR A 593 -11.83 -5.55 26.73
CA TYR A 593 -11.53 -4.15 26.95
C TYR A 593 -10.14 -3.98 27.56
N TYR A 594 -9.83 -4.83 28.53
CA TYR A 594 -8.53 -4.77 29.20
C TYR A 594 -7.38 -5.06 28.25
N HIS A 595 -7.61 -5.98 27.31
CA HIS A 595 -6.60 -6.31 26.30
C HIS A 595 -6.39 -5.14 25.36
N ALA A 596 -7.48 -4.55 24.88
CA ALA A 596 -7.42 -3.43 23.95
C ALA A 596 -6.80 -2.20 24.61
N THR A 597 -7.16 -1.96 25.88
CA THR A 597 -6.64 -0.82 26.60
C THR A 597 -5.15 -0.95 26.85
N LYS A 598 -4.73 -2.16 27.21
CA LYS A 598 -3.32 -2.44 27.48
C LYS A 598 -2.47 -2.26 26.22
N ALA A 599 -3.05 -2.61 25.08
CA ALA A 599 -2.36 -2.50 23.80
C ALA A 599 -2.31 -1.06 23.32
N MET A 600 -3.42 -0.35 23.47
CA MET A 600 -3.53 1.02 23.02
C MET A 600 -2.63 1.95 23.84
N THR A 601 -2.45 1.61 25.11
CA THR A 601 -1.56 2.38 25.97
C THR A 601 -0.11 2.18 25.54
N HIS A 602 0.25 0.92 25.28
CA HIS A 602 1.61 0.58 24.88
C HIS A 602 1.95 1.19 23.52
N PHE A 603 0.94 1.35 22.69
CA PHE A 603 1.13 1.93 21.37
C PHE A 603 1.47 3.41 21.45
N THR A 604 0.70 4.16 22.23
CA THR A 604 0.88 5.60 22.33
C THR A 604 2.04 6.00 23.24
N ASP A 605 2.15 5.34 24.39
CA ASP A 605 3.12 5.71 25.40
C ASP A 605 4.53 5.19 25.11
N GLU A 606 4.64 4.22 24.20
CA GLU A 606 5.92 3.63 23.87
C GLU A 606 6.27 3.76 22.39
N CYS A 607 5.45 3.18 21.54
CA CYS A 607 5.71 3.16 20.11
C CYS A 607 5.64 4.57 19.49
N VAL A 608 4.61 5.32 19.85
CA VAL A 608 4.42 6.65 19.29
C VAL A 608 5.44 7.65 19.85
N LYS A 609 5.52 7.74 21.17
CA LYS A 609 6.42 8.69 21.83
C LYS A 609 7.87 8.57 21.39
N LYS A 610 8.35 7.33 21.22
CA LYS A 610 9.71 7.11 20.74
C LYS A 610 9.85 7.55 19.29
N TYR A 611 8.77 7.40 18.52
CA TYR A 611 8.77 7.82 17.13
C TYR A 611 8.82 9.35 17.02
N GLU A 612 8.14 10.03 17.94
CA GLU A 612 8.14 11.48 17.96
C GLU A 612 9.53 12.01 18.27
N ALA A 613 10.24 11.31 19.16
CA ALA A 613 11.59 11.70 19.55
C ALA A 613 12.58 11.47 18.42
N PHE A 614 12.39 10.38 17.69
CA PHE A 614 13.26 10.04 16.56
C PHE A 614 13.00 11.00 15.41
N LEU A 615 11.74 11.38 15.22
CA LEU A 615 11.34 12.30 14.17
C LEU A 615 11.92 13.69 14.44
N ASN A 616 11.99 14.06 15.72
CA ASN A 616 12.50 15.36 16.12
C ASN A 616 14.00 15.51 15.84
N LYS A 617 14.79 14.57 16.34
CA LYS A 617 16.23 14.61 16.16
C LYS A 617 16.65 14.29 14.73
N SER A 618 15.69 13.85 13.92
CA SER A 618 15.95 13.59 12.51
C SER A 618 15.91 14.90 11.73
N GLU A 619 14.94 15.74 12.05
CA GLU A 619 14.79 17.03 11.39
C GLU A 619 15.96 17.95 11.73
N GLU A 620 16.59 17.70 12.88
CA GLU A 620 17.74 18.49 13.31
C GLU A 620 19.00 18.07 12.56
N TRP A 621 19.19 16.76 12.42
CA TRP A 621 20.38 16.22 11.75
C TRP A 621 20.36 16.52 10.26
N ILE A 622 19.17 16.68 9.70
CA ILE A 622 19.01 17.00 8.29
C ILE A 622 19.59 18.38 7.98
N ARG A 623 19.25 19.36 8.80
CA ARG A 623 19.75 20.72 8.66
C ARG A 623 21.27 20.75 8.79
N LYS A 624 21.79 19.95 9.73
CA LYS A 624 23.22 19.87 9.98
C LYS A 624 23.94 19.14 8.84
N MET A 625 23.18 18.39 8.05
CA MET A 625 23.73 17.66 6.91
C MET A 625 23.66 18.49 5.64
N LEU A 626 22.54 19.18 5.45
CA LEU A 626 22.37 20.07 4.31
C LEU A 626 23.38 21.21 4.37
N HIS A 627 23.69 21.65 5.57
CA HIS A 627 24.67 22.72 5.77
C HIS A 627 26.06 22.26 5.40
N LEU A 628 26.40 21.03 5.77
CA LEU A 628 27.71 20.47 5.48
C LEU A 628 27.93 20.27 3.99
N ARG A 629 26.94 19.70 3.32
CA ARG A 629 27.03 19.46 1.88
C ARG A 629 27.16 20.77 1.10
N LYS A 630 26.63 21.84 1.69
CA LYS A 630 26.74 23.17 1.10
C LYS A 630 28.17 23.67 1.21
N GLN A 631 28.83 23.33 2.32
CA GLN A 631 30.22 23.70 2.54
C GLN A 631 31.13 22.93 1.59
N LEU A 632 31.01 21.61 1.62
CA LEU A 632 31.85 20.74 0.81
C LEU A 632 31.72 21.04 -0.68
N LEU A 633 30.52 21.45 -1.10
CA LEU A 633 30.28 21.81 -2.49
C LEU A 633 31.09 23.03 -2.87
N SER A 634 31.01 24.07 -2.03
CA SER A 634 31.75 25.30 -2.26
C SER A 634 33.25 25.08 -2.18
N LEU A 635 33.67 24.32 -1.17
CA LEU A 635 35.08 24.00 -0.98
C LEU A 635 35.64 23.19 -2.15
N THR A 636 34.78 22.41 -2.79
CA THR A 636 35.18 21.64 -3.95
C THR A 636 35.25 22.54 -5.18
N ASN A 637 34.28 23.45 -5.29
CA ASN A 637 34.24 24.40 -6.39
C ASN A 637 35.37 25.44 -6.30
N GLN A 638 35.96 25.56 -5.12
CA GLN A 638 37.11 26.43 -4.92
C GLN A 638 38.41 25.68 -5.18
N CYS A 639 38.32 24.59 -5.92
CA CYS A 639 39.49 23.82 -6.31
C CYS A 639 39.53 23.66 -7.82
N PHE A 640 38.36 23.68 -8.45
CA PHE A 640 38.26 23.58 -9.90
C PHE A 640 38.59 24.91 -10.57
N ASP A 641 38.09 25.99 -9.97
CA ASP A 641 38.30 27.33 -10.51
C ASP A 641 39.76 27.78 -10.34
N ILE A 642 40.44 27.21 -9.36
CA ILE A 642 41.85 27.52 -9.14
C ILE A 642 42.74 26.52 -9.88
N GLU A 643 42.14 25.42 -10.32
CA GLU A 643 42.85 24.43 -11.13
C GLU A 643 43.07 25.01 -12.52
N GLU A 644 42.14 25.87 -12.94
CA GLU A 644 42.23 26.52 -14.24
C GLU A 644 43.08 27.78 -14.15
N GLU A 645 43.26 28.28 -12.92
CA GLU A 645 44.12 29.43 -12.68
C GLU A 645 45.59 29.04 -12.72
N VAL A 646 45.88 27.84 -12.23
CA VAL A 646 47.25 27.32 -12.24
C VAL A 646 47.55 26.61 -13.56
N SER A 647 46.65 26.75 -14.52
CA SER A 647 46.84 26.17 -15.85
C SER A 647 47.19 27.24 -16.86
N LYS A 648 46.91 28.50 -16.51
CA LYS A 648 47.21 29.63 -17.37
C LYS A 648 48.56 30.26 -17.01
N TYR A 649 49.23 29.66 -16.02
CA TYR A 649 50.53 30.14 -15.59
C TYR A 649 51.63 29.13 -15.92
N GLN A 650 51.25 27.86 -15.97
CA GLN A 650 52.19 26.79 -16.29
C GLN A 650 52.60 26.84 -17.76
N GLU A 651 51.73 27.40 -18.59
CA GLU A 651 51.98 27.51 -20.01
C GLU A 651 52.36 28.94 -20.39
N TYR A 652 53.07 29.62 -19.49
CA TYR A 652 53.39 31.03 -19.71
C TYR A 652 54.89 31.31 -19.56
N THR A 653 55.29 31.80 -18.40
CA THR A 653 56.67 32.17 -18.14
C THR A 653 57.56 30.93 -18.04
N ASN A 654 56.97 29.83 -17.60
CA ASN A 654 57.68 28.54 -17.55
C ASN A 654 58.18 28.15 -18.93
N GLU A 655 57.49 28.62 -19.96
CA GLU A 655 57.85 28.33 -21.34
C GLU A 655 58.01 29.63 -22.13
N LEU A 656 59.17 30.25 -22.04
CA LEU A 656 59.45 31.49 -22.76
C LEU A 656 59.69 31.20 -24.24
N GLN A 657 60.37 32.11 -24.94
CA GLN A 657 60.63 31.93 -26.35
C GLN A 657 61.93 32.59 -26.82
N GLU A 658 62.69 31.87 -27.62
CA GLU A 658 63.95 32.37 -28.19
C GLU A 658 64.39 31.44 -29.33
N THR A 659 65.14 31.99 -30.29
CA THR A 659 65.65 31.21 -31.40
C THR A 659 66.57 30.09 -30.94
CAM 1FV B . -25.82 -18.34 -2.49
CAH 1FV B . -26.69 -19.61 -2.62
CAN 1FV B . -26.09 -19.80 -4.02
CBF 1FV B . -25.38 -18.59 -3.83
CAZ 1FV B . -23.92 -18.85 -3.84
OAA 1FV B . -23.55 -19.35 -5.04
NAV 1FV B . -23.38 -18.52 -2.63
CAI 1FV B . -21.94 -18.32 -2.50
CAG 1FV B . -21.55 -18.29 -1.05
CAJ 1FV B . -21.66 -19.69 -0.46
NAW 1FV B . -21.42 -20.68 -1.51
C4 1FV B . -20.13 -21.43 -1.54
N3 1FV B . -19.34 -21.44 -0.45
C5 1FV B . -19.74 -22.09 -2.70
CBG 1FV B . -20.67 -22.06 -3.91
CAO 1FV B . -20.02 -22.61 -5.08
CAP 1FV B . -20.22 -21.11 -4.91
C6 1FV B . -18.53 -22.78 -2.70
N1 1FV B . -17.75 -22.78 -1.60
C2 1FV B . -18.13 -22.12 -0.47
NAX 1FV B . -17.24 -22.17 0.68
CBB 1FV B . -17.39 -21.45 1.95
CAF 1FV B . -16.45 -21.69 2.95
CAD 1FV B . -18.42 -20.54 2.20
CAB 1FV B . -18.50 -19.87 3.43
CAC 1FV B . -17.55 -20.12 4.43
CBA 1FV B . -16.52 -21.03 4.20
CAS 1FV B . -15.47 -21.29 5.28
NBH 1FV B . -15.71 -22.51 6.08
CAQ 1FV B . -16.98 -22.45 6.75
CAK 1FV B . -17.28 -23.67 7.56
OAY 1FV B . -16.44 -24.72 7.30
CAL 1FV B . -16.13 -24.93 5.98
CAR 1FV B . -15.57 -23.72 5.29
#